data_6PT2
#
_entry.id   6PT2
#
_cell.length_a   48.960
_cell.length_b   140.880
_cell.length_c   158.640
_cell.angle_alpha   90.000
_cell.angle_beta   90.000
_cell.angle_gamma   90.000
#
_symmetry.space_group_name_H-M   'P 21 21 21'
#
loop_
_entity.id
_entity.type
_entity.pdbx_description
1 polymer 'Delta opioid receptor'
2 polymer 'Peptide agonist KGCHM07'
3 non-polymer CHOLESTEROL
4 non-polymer 'OLEIC ACID'
5 non-polymer '(2R)-2,3-dihydroxypropyl (9Z)-octadec-9-enoate'
6 water water
#
loop_
_entity_poly.entity_id
_entity_poly.type
_entity_poly.pdbx_seq_one_letter_code
_entity_poly.pdbx_strand_id
1 'polypeptide(L)'
;MKTIIALSYIFCLVFADYKDDDDAKLQTMHHHHHHHHHHENLYFQGGTTMADLEDNWETLNDNLKVIEKADNAAQVKDAL
TKMRAAALDAQKATPPKLEDKSPDSPEMKDFRHGFDILVGQIDDALKLANEGKVKEAQAAAEQLKTTRNAYIQKYLRSAS
SLALAIAITALYSAVCAVGLLGNVLVMFVIVRYTKMKTATNIYIFSLALAGALATSTLPFQSADYLMETWPFGELLCKAV
LSIDYYSMFTSIFTLTMMCVDRYIAVCHPVKALDFRTPAKAKLINICIWVLASGVGVPIMVMAVTRPRDGAVVCMLQFPS
PSWYWDTVTKICVFLFAFVVPILIITVCYGLMLLRLRSVRLLSGSKEKDRSLRRITRMVLVVVVAFVVCWAPIHIFVIVW
TLVDIDRRDPLVVAALHLCIALGYINSSLNPVLYAFLDKNFKRCFRQLCRKPCG
;
A,B
2 'polypeptide(L)' (DI7)(DAR)F(SAR)(OXJ) C,D
#
# COMPACT_ATOMS: atom_id res chain seq x y z
N THR A 49 26.58 -10.34 -19.37
CA THR A 49 25.26 -10.16 -18.75
C THR A 49 24.59 -8.85 -19.21
N MET A 50 23.30 -8.64 -18.84
CA MET A 50 22.53 -7.42 -19.16
C MET A 50 22.80 -6.30 -18.16
N ALA A 51 23.34 -6.67 -16.98
CA ALA A 51 23.74 -5.75 -15.93
C ALA A 51 24.90 -4.96 -16.48
N ASP A 52 25.87 -5.68 -17.12
CA ASP A 52 27.05 -5.14 -17.79
C ASP A 52 26.62 -4.20 -18.92
N LEU A 53 25.64 -4.63 -19.75
CA LEU A 53 25.10 -3.84 -20.85
C LEU A 53 24.45 -2.55 -20.33
N GLU A 54 23.64 -2.64 -19.26
CA GLU A 54 22.95 -1.49 -18.64
C GLU A 54 23.95 -0.52 -18.02
N ASP A 55 24.92 -1.03 -17.24
CA ASP A 55 25.96 -0.23 -16.59
C ASP A 55 26.87 0.48 -17.59
N ASN A 56 27.23 -0.21 -18.70
CA ASN A 56 28.05 0.37 -19.78
C ASN A 56 27.27 1.46 -20.50
N TRP A 57 25.99 1.21 -20.80
CA TRP A 57 25.08 2.17 -21.42
C TRP A 57 24.95 3.41 -20.50
N GLU A 58 24.86 3.18 -19.17
CA GLU A 58 24.79 4.24 -18.16
C GLU A 58 26.08 5.04 -18.15
N THR A 59 27.26 4.36 -18.12
CA THR A 59 28.60 4.98 -18.15
C THR A 59 28.76 5.90 -19.37
N LEU A 60 28.31 5.44 -20.56
CA LEU A 60 28.36 6.21 -21.80
C LEU A 60 27.61 7.53 -21.63
N ASN A 61 26.33 7.47 -21.17
CA ASN A 61 25.43 8.60 -20.94
C ASN A 61 25.89 9.53 -19.83
N ASP A 62 26.31 8.99 -18.67
CA ASP A 62 26.84 9.75 -17.53
C ASP A 62 28.06 10.57 -17.92
N ASN A 63 28.99 9.99 -18.71
CA ASN A 63 30.21 10.66 -19.15
C ASN A 63 29.98 11.71 -20.24
N LEU A 64 28.80 11.71 -20.90
CA LEU A 64 28.43 12.72 -21.89
C LEU A 64 28.14 14.03 -21.16
N LYS A 65 27.42 13.94 -20.02
CA LYS A 65 27.08 15.08 -19.16
C LYS A 65 28.34 15.65 -18.49
N VAL A 66 29.36 14.78 -18.22
CA VAL A 66 30.64 15.18 -17.62
C VAL A 66 31.34 16.20 -18.54
N ILE A 67 31.40 15.91 -19.87
CA ILE A 67 31.97 16.77 -20.90
C ILE A 67 31.12 18.03 -21.04
N GLU A 68 29.78 17.88 -21.00
CA GLU A 68 28.80 18.96 -21.10
C GLU A 68 29.09 20.05 -20.05
N LYS A 69 29.36 19.62 -18.79
CA LYS A 69 29.66 20.50 -17.66
C LYS A 69 31.16 20.58 -17.30
N ALA A 70 32.04 20.19 -18.24
CA ALA A 70 33.49 20.25 -18.06
C ALA A 70 34.04 21.65 -18.39
N ASP A 71 35.19 22.00 -17.78
CA ASP A 71 35.86 23.28 -17.97
C ASP A 71 37.31 23.16 -18.42
N ASN A 72 37.94 21.99 -18.16
CA ASN A 72 39.34 21.67 -18.52
C ASN A 72 39.46 20.44 -19.41
N ALA A 73 40.57 20.36 -20.17
CA ALA A 73 40.91 19.27 -21.08
C ALA A 73 41.08 17.93 -20.36
N ALA A 74 41.54 17.96 -19.09
CA ALA A 74 41.74 16.78 -18.23
C ALA A 74 40.42 16.08 -17.93
N GLN A 75 39.33 16.87 -17.81
CA GLN A 75 37.98 16.42 -17.54
C GLN A 75 37.35 15.79 -18.78
N VAL A 76 37.52 16.46 -19.95
CA VAL A 76 37.01 16.00 -21.24
C VAL A 76 37.72 14.70 -21.67
N LYS A 77 39.06 14.62 -21.47
CA LYS A 77 39.91 13.49 -21.85
C LYS A 77 39.54 12.16 -21.18
N ASP A 78 39.44 12.13 -19.84
CA ASP A 78 39.11 10.91 -19.09
C ASP A 78 37.67 10.45 -19.27
N ALA A 79 36.74 11.40 -19.52
CA ALA A 79 35.32 11.11 -19.78
C ALA A 79 35.18 10.36 -21.09
N LEU A 80 35.97 10.76 -22.12
CA LEU A 80 36.01 10.10 -23.43
C LEU A 80 36.76 8.76 -23.34
N THR A 81 37.77 8.66 -22.44
CA THR A 81 38.53 7.43 -22.19
C THR A 81 37.57 6.36 -21.61
N LYS A 82 36.74 6.75 -20.62
CA LYS A 82 35.75 5.88 -19.97
C LYS A 82 34.67 5.48 -20.98
N MET A 83 34.12 6.47 -21.69
CA MET A 83 33.11 6.34 -22.75
C MET A 83 33.58 5.40 -23.89
N ARG A 84 34.88 5.49 -24.28
CA ARG A 84 35.48 4.64 -25.30
C ARG A 84 35.53 3.19 -24.81
N ALA A 85 36.00 2.97 -23.57
CA ALA A 85 36.09 1.63 -22.99
C ALA A 85 34.71 1.03 -22.76
N ALA A 86 33.71 1.87 -22.40
CA ALA A 86 32.34 1.39 -22.17
C ALA A 86 31.60 1.11 -23.48
N ALA A 87 31.96 1.81 -24.59
CA ALA A 87 31.35 1.59 -25.91
C ALA A 87 31.83 0.26 -26.50
N LEU A 88 33.14 -0.06 -26.34
CA LEU A 88 33.77 -1.30 -26.80
C LEU A 88 33.29 -2.50 -25.99
N ASP A 89 33.00 -2.28 -24.71
CA ASP A 89 32.47 -3.29 -23.79
C ASP A 89 31.00 -3.61 -24.11
N ALA A 90 30.17 -2.56 -24.37
CA ALA A 90 28.75 -2.66 -24.71
C ALA A 90 28.50 -3.30 -26.09
N GLN A 91 29.41 -3.09 -27.09
CA GLN A 91 29.24 -3.68 -28.43
C GLN A 91 29.43 -5.22 -28.42
N LYS A 92 30.07 -5.74 -27.36
CA LYS A 92 30.28 -7.17 -27.14
C LYS A 92 28.96 -7.85 -26.64
N ALA A 93 28.11 -7.10 -25.91
CA ALA A 93 26.83 -7.58 -25.36
C ALA A 93 25.76 -7.77 -26.41
N THR A 94 24.73 -8.57 -26.09
CA THR A 94 23.59 -8.81 -26.98
C THR A 94 22.34 -8.13 -26.38
N PRO A 95 21.71 -7.15 -27.09
CA PRO A 95 20.55 -6.44 -26.50
C PRO A 95 19.38 -7.36 -26.13
N PRO A 96 18.58 -7.04 -25.07
CA PRO A 96 17.42 -7.89 -24.74
C PRO A 96 16.46 -8.04 -25.93
N LYS A 97 16.26 -6.93 -26.68
CA LYS A 97 15.46 -6.83 -27.91
C LYS A 97 15.90 -7.93 -28.93
N LEU A 98 17.23 -8.11 -29.12
CA LEU A 98 17.82 -9.08 -30.05
C LEU A 98 18.46 -10.30 -29.36
N GLU A 99 17.92 -10.74 -28.19
CA GLU A 99 18.46 -11.91 -27.46
C GLU A 99 18.23 -13.22 -28.24
N ASP A 100 17.14 -13.25 -29.02
CA ASP A 100 16.70 -14.35 -29.88
C ASP A 100 17.46 -14.38 -31.23
N LYS A 101 18.35 -13.39 -31.45
CA LYS A 101 19.09 -13.20 -32.69
C LYS A 101 20.56 -13.64 -32.63
N SER A 102 21.03 -14.19 -33.77
CA SER A 102 22.38 -14.72 -34.01
C SER A 102 23.45 -13.63 -33.88
N PRO A 103 24.61 -13.92 -33.25
CA PRO A 103 25.66 -12.89 -33.13
C PRO A 103 26.08 -12.27 -34.48
N ASP A 104 25.79 -12.96 -35.60
CA ASP A 104 26.11 -12.50 -36.95
C ASP A 104 24.87 -12.07 -37.77
N SER A 105 23.68 -11.96 -37.11
CA SER A 105 22.43 -11.53 -37.74
C SER A 105 22.51 -10.06 -38.17
N PRO A 106 21.83 -9.62 -39.27
CA PRO A 106 21.95 -8.22 -39.70
C PRO A 106 21.66 -7.14 -38.64
N GLU A 107 20.75 -7.43 -37.68
CA GLU A 107 20.38 -6.51 -36.61
C GLU A 107 21.53 -6.36 -35.61
N MET A 108 22.18 -7.49 -35.29
CA MET A 108 23.31 -7.61 -34.37
C MET A 108 24.58 -6.95 -34.94
N LYS A 109 24.74 -7.01 -36.27
CA LYS A 109 25.84 -6.38 -36.99
C LYS A 109 25.63 -4.86 -37.01
N ASP A 110 24.35 -4.41 -37.06
CA ASP A 110 23.95 -3.00 -37.06
C ASP A 110 24.17 -2.36 -35.68
N PHE A 111 23.87 -3.11 -34.61
CA PHE A 111 24.07 -2.67 -33.23
C PHE A 111 25.57 -2.41 -33.01
N ARG A 112 26.44 -3.32 -33.48
CA ARG A 112 27.89 -3.21 -33.37
C ARG A 112 28.48 -2.07 -34.22
N HIS A 113 27.92 -1.82 -35.43
CA HIS A 113 28.32 -0.74 -36.34
C HIS A 113 28.10 0.65 -35.73
N GLY A 114 27.04 0.78 -34.93
CA GLY A 114 26.71 2.00 -34.20
C GLY A 114 27.84 2.37 -33.26
N PHE A 115 28.38 1.36 -32.53
CA PHE A 115 29.52 1.54 -31.63
C PHE A 115 30.83 1.82 -32.35
N ASP A 116 31.00 1.29 -33.60
CA ASP A 116 32.19 1.54 -34.44
C ASP A 116 32.26 3.01 -34.79
N ILE A 117 31.10 3.62 -35.14
CA ILE A 117 30.96 5.05 -35.49
C ILE A 117 31.21 5.89 -34.22
N LEU A 118 30.65 5.46 -33.07
CA LEU A 118 30.82 6.13 -31.78
C LEU A 118 32.30 6.17 -31.37
N VAL A 119 33.00 5.00 -31.38
CA VAL A 119 34.42 4.88 -30.99
C VAL A 119 35.32 5.75 -31.88
N GLY A 120 35.01 5.78 -33.19
CA GLY A 120 35.72 6.58 -34.17
C GLY A 120 35.61 8.04 -33.83
N GLN A 121 34.37 8.50 -33.53
CA GLN A 121 34.08 9.87 -33.14
C GLN A 121 34.70 10.24 -31.78
N ILE A 122 34.69 9.32 -30.80
CA ILE A 122 35.32 9.49 -29.49
C ILE A 122 36.85 9.76 -29.70
N ASP A 123 37.50 8.98 -30.59
CA ASP A 123 38.91 9.15 -30.92
C ASP A 123 39.24 10.49 -31.62
N ASP A 124 38.24 11.09 -32.31
CA ASP A 124 38.38 12.39 -32.97
C ASP A 124 38.35 13.47 -31.89
N ALA A 125 37.47 13.29 -30.88
CA ALA A 125 37.32 14.20 -29.74
C ALA A 125 38.52 14.07 -28.79
N LEU A 126 39.13 12.86 -28.71
CA LEU A 126 40.30 12.60 -27.88
C LEU A 126 41.53 13.38 -28.37
N LYS A 127 41.79 13.35 -29.71
CA LYS A 127 42.91 14.08 -30.34
C LYS A 127 42.77 15.60 -30.14
N LEU A 128 41.52 16.13 -30.10
CA LEU A 128 41.26 17.56 -29.82
C LEU A 128 41.59 17.90 -28.36
N ALA A 129 41.23 17.00 -27.41
CA ALA A 129 41.51 17.16 -25.97
C ALA A 129 43.02 17.04 -25.70
N ASN A 130 43.71 16.14 -26.46
CA ASN A 130 45.16 15.92 -26.37
C ASN A 130 45.92 17.09 -27.00
N GLU A 131 45.38 17.70 -28.07
CA GLU A 131 45.97 18.85 -28.77
C GLU A 131 45.93 20.14 -27.92
N GLY A 132 44.96 20.22 -27.01
CA GLY A 132 44.76 21.36 -26.11
C GLY A 132 43.48 22.12 -26.37
N LYS A 133 42.58 21.59 -27.23
CA LYS A 133 41.28 22.19 -27.55
C LYS A 133 40.18 21.64 -26.65
N VAL A 134 39.38 22.54 -26.06
CA VAL A 134 38.29 22.23 -25.14
C VAL A 134 36.92 22.67 -25.68
N LYS A 135 36.91 23.54 -26.71
CA LYS A 135 35.68 24.04 -27.34
C LYS A 135 35.24 23.05 -28.41
N GLU A 136 36.21 22.62 -29.26
CA GLU A 136 36.00 21.66 -30.35
C GLU A 136 35.72 20.26 -29.82
N ALA A 137 36.45 19.83 -28.75
CA ALA A 137 36.30 18.52 -28.10
C ALA A 137 34.92 18.40 -27.43
N GLN A 138 34.37 19.53 -26.92
CA GLN A 138 33.05 19.63 -26.29
C GLN A 138 31.95 19.64 -27.37
N ALA A 139 32.25 20.25 -28.54
CA ALA A 139 31.36 20.32 -29.70
C ALA A 139 31.24 18.96 -30.38
N ALA A 140 32.33 18.16 -30.37
CA ALA A 140 32.38 16.80 -30.91
C ALA A 140 31.57 15.83 -30.03
N ALA A 141 31.32 16.19 -28.75
CA ALA A 141 30.52 15.41 -27.81
C ALA A 141 29.04 15.51 -28.16
N GLU A 142 28.63 16.61 -28.82
CA GLU A 142 27.26 16.85 -29.27
C GLU A 142 26.92 15.91 -30.43
N GLN A 143 27.89 15.70 -31.36
CA GLN A 143 27.69 14.79 -32.50
C GLN A 143 27.71 13.32 -32.06
N LEU A 144 28.18 13.06 -30.81
CA LEU A 144 28.19 11.75 -30.17
C LEU A 144 26.80 11.40 -29.66
N LYS A 145 25.98 12.44 -29.32
CA LYS A 145 24.60 12.29 -28.87
C LYS A 145 23.70 11.92 -30.04
N THR A 146 23.96 12.46 -31.24
CA THR A 146 23.21 12.15 -32.47
C THR A 146 23.49 10.72 -32.94
N THR A 147 24.71 10.21 -32.68
CA THR A 147 25.15 8.86 -33.08
C THR A 147 24.48 7.77 -32.25
N ARG A 148 24.51 7.89 -30.91
CA ARG A 148 23.88 6.90 -30.03
C ARG A 148 22.35 6.96 -30.08
N ASN A 149 21.78 8.01 -30.74
CA ASN A 149 20.35 8.22 -30.93
C ASN A 149 19.85 7.59 -32.23
N ALA A 150 20.55 7.86 -33.36
CA ALA A 150 20.20 7.34 -34.69
C ALA A 150 20.63 5.88 -34.96
N TYR A 151 21.58 5.32 -34.17
CA TYR A 151 22.09 3.97 -34.39
C TYR A 151 21.82 2.96 -33.27
N ILE A 152 22.22 3.27 -32.02
CA ILE A 152 22.15 2.36 -30.87
C ILE A 152 20.82 2.40 -30.11
N GLN A 153 20.29 3.60 -29.82
CA GLN A 153 19.06 3.84 -29.03
C GLN A 153 17.92 2.85 -29.28
N LYS A 154 17.60 2.56 -30.57
CA LYS A 154 16.57 1.61 -31.00
C LYS A 154 16.70 0.21 -30.37
N TYR A 155 17.93 -0.24 -30.08
CA TYR A 155 18.23 -1.55 -29.49
C TYR A 155 18.27 -1.52 -27.95
N LEU A 156 18.57 -0.34 -27.38
CA LEU A 156 18.69 -0.19 -25.93
C LEU A 156 17.63 0.76 -25.34
N ARG A 157 16.35 0.42 -25.57
CA ARG A 157 15.20 1.18 -25.07
C ARG A 157 15.06 0.93 -23.55
N SER A 158 14.73 1.98 -22.79
CA SER A 158 14.58 1.89 -21.33
C SER A 158 13.18 2.29 -20.86
N ALA A 159 12.83 1.85 -19.63
CA ALA A 159 11.56 2.12 -18.95
C ALA A 159 11.83 2.58 -17.50
N SER A 160 10.85 3.24 -16.84
CA SER A 160 11.00 3.70 -15.44
C SER A 160 10.44 2.71 -14.43
N SER A 161 11.16 2.51 -13.30
CA SER A 161 10.75 1.62 -12.22
C SER A 161 10.08 2.39 -11.06
N LEU A 162 9.57 3.61 -11.36
CA LEU A 162 8.92 4.50 -10.41
C LEU A 162 7.59 3.98 -9.91
N ALA A 163 6.75 3.42 -10.79
CA ALA A 163 5.42 2.92 -10.40
C ALA A 163 5.52 1.68 -9.50
N LEU A 164 6.61 0.89 -9.65
CA LEU A 164 6.86 -0.29 -8.82
C LEU A 164 7.31 0.15 -7.42
N ALA A 165 8.24 1.12 -7.34
CA ALA A 165 8.76 1.70 -6.10
C ALA A 165 7.62 2.31 -5.26
N ILE A 166 6.62 2.96 -5.92
CA ILE A 166 5.44 3.58 -5.27
C ILE A 166 4.56 2.47 -4.69
N ALA A 167 4.27 1.42 -5.50
CA ALA A 167 3.47 0.27 -5.10
C ALA A 167 4.13 -0.41 -3.89
N ILE A 168 5.47 -0.62 -3.94
CA ILE A 168 6.22 -1.24 -2.84
C ILE A 168 6.09 -0.40 -1.55
N THR A 169 6.33 0.93 -1.63
CA THR A 169 6.18 1.90 -0.54
C THR A 169 4.75 1.82 0.03
N ALA A 170 3.74 1.75 -0.87
CA ALA A 170 2.32 1.62 -0.51
C ALA A 170 2.07 0.31 0.27
N LEU A 171 2.63 -0.82 -0.22
CA LEU A 171 2.51 -2.12 0.44
C LEU A 171 3.12 -2.10 1.84
N TYR A 172 4.37 -1.61 2.00
CA TYR A 172 5.00 -1.57 3.33
C TYR A 172 4.31 -0.62 4.31
N SER A 173 3.86 0.55 3.84
CA SER A 173 3.16 1.55 4.65
C SER A 173 1.79 1.06 5.13
N ALA A 174 1.05 0.31 4.27
CA ALA A 174 -0.26 -0.24 4.62
C ALA A 174 -0.10 -1.39 5.61
N VAL A 175 0.87 -2.29 5.35
CA VAL A 175 1.11 -3.41 6.26
C VAL A 175 1.71 -2.89 7.58
N CYS A 176 2.44 -1.74 7.55
CA CYS A 176 2.98 -1.17 8.78
C CYS A 176 1.90 -0.48 9.61
N ALA A 177 1.13 0.43 9.00
CA ALA A 177 0.08 1.18 9.69
C ALA A 177 -0.99 0.29 10.34
N VAL A 178 -1.55 -0.68 9.60
CA VAL A 178 -2.52 -1.64 10.12
C VAL A 178 -1.88 -2.47 11.26
N GLY A 179 -0.71 -3.05 10.98
CA GLY A 179 0.06 -3.89 11.89
C GLY A 179 0.49 -3.28 13.20
N LEU A 180 1.21 -2.14 13.14
CA LEU A 180 1.73 -1.44 14.31
C LEU A 180 0.63 -0.81 15.15
N LEU A 181 -0.14 0.14 14.56
CA LEU A 181 -1.22 0.86 15.25
C LEU A 181 -2.33 -0.08 15.70
N GLY A 182 -2.62 -1.11 14.90
CA GLY A 182 -3.62 -2.13 15.23
C GLY A 182 -3.28 -2.91 16.48
N ASN A 183 -2.03 -3.44 16.57
CA ASN A 183 -1.53 -4.20 17.73
C ASN A 183 -1.24 -3.33 18.95
N VAL A 184 -0.92 -2.03 18.74
CA VAL A 184 -0.74 -1.06 19.82
C VAL A 184 -2.13 -0.82 20.44
N LEU A 185 -3.18 -0.75 19.59
CA LEU A 185 -4.56 -0.63 20.05
C LEU A 185 -4.98 -1.89 20.79
N VAL A 186 -4.72 -3.10 20.23
CA VAL A 186 -5.02 -4.39 20.88
C VAL A 186 -4.42 -4.40 22.29
N MET A 187 -3.09 -4.15 22.41
CA MET A 187 -2.36 -4.09 23.69
C MET A 187 -2.98 -3.11 24.68
N PHE A 188 -3.41 -1.91 24.22
CA PHE A 188 -4.05 -0.89 25.05
C PHE A 188 -5.38 -1.36 25.63
N VAL A 189 -6.26 -1.96 24.80
CA VAL A 189 -7.55 -2.49 25.24
C VAL A 189 -7.39 -3.63 26.28
N ILE A 190 -6.35 -4.46 26.15
CA ILE A 190 -6.08 -5.56 27.10
C ILE A 190 -5.55 -5.00 28.44
N VAL A 191 -4.55 -4.11 28.38
CA VAL A 191 -3.94 -3.52 29.56
C VAL A 191 -4.96 -2.63 30.35
N ARG A 192 -5.66 -1.71 29.66
CA ARG A 192 -6.57 -0.75 30.27
C ARG A 192 -8.03 -1.20 30.49
N TYR A 193 -8.58 -2.13 29.66
CA TYR A 193 -10.00 -2.51 29.79
C TYR A 193 -10.24 -4.01 30.05
N THR A 194 -9.88 -4.89 29.08
CA THR A 194 -10.03 -6.34 29.25
C THR A 194 -8.77 -6.85 29.98
N LYS A 195 -8.67 -6.50 31.29
CA LYS A 195 -7.57 -6.83 32.20
C LYS A 195 -7.22 -8.31 32.09
N MET A 196 -5.94 -8.61 31.86
CA MET A 196 -5.40 -9.96 31.65
C MET A 196 -5.48 -10.84 32.93
N LYS A 197 -6.70 -11.28 33.25
CA LYS A 197 -7.04 -12.14 34.38
C LYS A 197 -7.39 -13.55 33.87
N THR A 198 -7.28 -13.75 32.52
CA THR A 198 -7.54 -15.03 31.85
C THR A 198 -6.29 -15.44 31.07
N ALA A 199 -6.14 -16.75 30.76
CA ALA A 199 -5.03 -17.32 29.98
C ALA A 199 -4.96 -16.77 28.56
N THR A 200 -6.12 -16.66 27.87
CA THR A 200 -6.25 -16.13 26.49
C THR A 200 -5.72 -14.68 26.37
N ASN A 201 -6.11 -13.79 27.31
CA ASN A 201 -5.69 -12.38 27.33
C ASN A 201 -4.18 -12.19 27.42
N ILE A 202 -3.48 -13.13 28.06
CA ILE A 202 -2.03 -13.15 28.16
C ILE A 202 -1.41 -13.55 26.79
N TYR A 203 -2.02 -14.53 26.10
CA TYR A 203 -1.58 -14.98 24.78
C TYR A 203 -1.85 -13.91 23.71
N ILE A 204 -3.02 -13.23 23.74
CA ILE A 204 -3.28 -12.16 22.76
C ILE A 204 -2.27 -11.01 22.95
N PHE A 205 -1.84 -10.73 24.21
CA PHE A 205 -0.85 -9.69 24.48
C PHE A 205 0.51 -10.04 23.89
N SER A 206 0.90 -11.32 23.95
CA SER A 206 2.17 -11.79 23.42
C SER A 206 2.22 -11.71 21.89
N LEU A 207 1.15 -12.14 21.21
CA LEU A 207 1.04 -12.06 19.77
C LEU A 207 1.03 -10.58 19.36
N ALA A 208 0.29 -9.73 20.11
CA ALA A 208 0.17 -8.29 19.86
C ALA A 208 1.52 -7.56 20.02
N LEU A 209 2.26 -7.84 21.12
CA LEU A 209 3.57 -7.24 21.38
C LEU A 209 4.56 -7.57 20.27
N ALA A 210 4.54 -8.85 19.80
CA ALA A 210 5.39 -9.39 18.73
C ALA A 210 5.07 -8.77 17.38
N GLY A 211 3.77 -8.74 17.01
CA GLY A 211 3.24 -8.18 15.77
C GLY A 211 3.61 -6.73 15.55
N ALA A 212 3.53 -5.92 16.64
CA ALA A 212 3.89 -4.52 16.71
C ALA A 212 5.41 -4.35 16.57
N LEU A 213 6.21 -5.15 17.30
CA LEU A 213 7.68 -5.12 17.18
C LEU A 213 8.17 -5.44 15.76
N ALA A 214 7.53 -6.45 15.12
CA ALA A 214 7.79 -6.92 13.76
C ALA A 214 7.63 -5.79 12.73
N THR A 215 6.43 -5.14 12.72
CA THR A 215 6.07 -4.09 11.78
C THR A 215 6.78 -2.77 12.02
N SER A 216 7.43 -2.58 13.19
CA SER A 216 8.18 -1.33 13.47
C SER A 216 9.47 -1.21 12.61
N THR A 217 9.93 -2.34 12.03
CA THR A 217 11.09 -2.46 11.15
C THR A 217 10.80 -1.85 9.76
N LEU A 218 9.58 -2.10 9.24
CA LEU A 218 9.11 -1.77 7.90
C LEU A 218 9.45 -0.34 7.41
N PRO A 219 9.29 0.77 8.21
CA PRO A 219 9.71 2.09 7.71
C PRO A 219 11.19 2.19 7.30
N PHE A 220 12.09 1.46 8.01
CA PHE A 220 13.54 1.43 7.74
C PHE A 220 13.86 0.59 6.53
N GLN A 221 13.20 -0.57 6.40
CA GLN A 221 13.35 -1.51 5.30
C GLN A 221 12.95 -0.90 3.97
N SER A 222 11.81 -0.16 3.92
CA SER A 222 11.30 0.50 2.71
C SER A 222 12.09 1.77 2.32
N ALA A 223 12.68 2.49 3.31
CA ALA A 223 13.53 3.67 3.09
C ALA A 223 14.84 3.18 2.46
N ASP A 224 15.32 2.00 2.89
CA ASP A 224 16.52 1.33 2.37
C ASP A 224 16.34 0.96 0.88
N TYR A 225 15.16 0.36 0.55
CA TYR A 225 14.80 -0.03 -0.82
C TYR A 225 14.73 1.23 -1.72
N LEU A 226 14.06 2.30 -1.26
CA LEU A 226 13.96 3.50 -2.07
C LEU A 226 15.33 4.15 -2.32
N MET A 227 16.11 4.39 -1.25
CA MET A 227 17.42 5.04 -1.32
C MET A 227 18.54 4.21 -1.93
N GLU A 228 18.36 2.87 -2.02
CA GLU A 228 19.36 1.91 -2.53
C GLU A 228 20.64 1.99 -1.67
N THR A 229 20.46 2.27 -0.34
CA THR A 229 21.51 2.44 0.70
C THR A 229 20.91 2.42 2.13
N TRP A 230 21.74 2.06 3.15
CA TRP A 230 21.34 2.07 4.55
C TRP A 230 21.79 3.41 5.19
N PRO A 231 20.86 4.36 5.41
CA PRO A 231 21.25 5.67 5.93
C PRO A 231 21.14 5.85 7.43
N PHE A 232 20.80 4.79 8.19
CA PHE A 232 20.51 4.90 9.62
C PHE A 232 21.67 4.56 10.58
N GLY A 233 22.77 4.03 10.03
CA GLY A 233 23.95 3.66 10.81
C GLY A 233 23.91 2.24 11.33
N GLU A 234 25.05 1.77 11.89
CA GLU A 234 25.23 0.42 12.42
C GLU A 234 24.36 0.09 13.63
N LEU A 235 24.19 1.04 14.57
CA LEU A 235 23.38 0.85 15.78
C LEU A 235 21.90 0.58 15.43
N LEU A 236 21.34 1.38 14.48
CA LEU A 236 19.97 1.19 14.01
C LEU A 236 19.85 -0.05 13.14
N CYS A 237 20.97 -0.49 12.52
CA CYS A 237 21.05 -1.71 11.71
C CYS A 237 20.96 -2.94 12.62
N LYS A 238 21.61 -2.85 13.80
CA LYS A 238 21.62 -3.89 14.82
C LYS A 238 20.24 -4.00 15.45
N ALA A 239 19.67 -2.86 15.86
CA ALA A 239 18.32 -2.79 16.43
C ALA A 239 17.30 -3.38 15.44
N VAL A 240 17.38 -3.03 14.12
CA VAL A 240 16.45 -3.49 13.07
C VAL A 240 16.57 -5.00 12.84
N LEU A 241 17.75 -5.50 12.46
CA LEU A 241 17.96 -6.91 12.20
C LEU A 241 17.62 -7.81 13.38
N SER A 242 18.07 -7.45 14.61
CA SER A 242 17.80 -8.22 15.83
C SER A 242 16.31 -8.29 16.09
N ILE A 243 15.59 -7.14 16.08
CA ILE A 243 14.12 -7.06 16.25
C ILE A 243 13.41 -7.88 15.18
N ASP A 244 13.94 -7.87 13.94
CA ASP A 244 13.38 -8.62 12.82
C ASP A 244 13.36 -10.14 13.07
N TYR A 245 14.53 -10.75 13.40
CA TYR A 245 14.67 -12.18 13.71
C TYR A 245 13.95 -12.57 15.04
N TYR A 246 14.13 -11.73 16.09
CA TYR A 246 13.58 -11.90 17.42
C TYR A 246 12.08 -12.00 17.43
N SER A 247 11.41 -10.93 16.99
CA SER A 247 9.94 -10.81 16.91
C SER A 247 9.37 -11.90 16.03
N MET A 248 10.15 -12.43 15.06
CA MET A 248 9.68 -13.51 14.21
C MET A 248 9.45 -14.78 15.05
N PHE A 249 10.44 -15.12 15.88
CA PHE A 249 10.40 -16.29 16.74
C PHE A 249 9.39 -16.14 17.88
N THR A 250 9.35 -14.97 18.59
CA THR A 250 8.37 -14.73 19.66
C THR A 250 6.95 -14.84 19.12
N SER A 251 6.67 -14.25 17.93
CA SER A 251 5.36 -14.28 17.26
C SER A 251 4.92 -15.69 16.92
N ILE A 252 5.80 -16.47 16.25
CA ILE A 252 5.50 -17.81 15.77
C ILE A 252 5.38 -18.82 16.93
N PHE A 253 6.25 -18.72 17.95
CA PHE A 253 6.19 -19.62 19.08
C PHE A 253 5.04 -19.30 20.04
N THR A 254 4.62 -18.01 20.15
CA THR A 254 3.46 -17.68 20.99
C THR A 254 2.17 -18.12 20.27
N LEU A 255 2.13 -18.04 18.92
CA LEU A 255 0.99 -18.49 18.11
C LEU A 255 0.85 -20.02 18.25
N THR A 256 1.98 -20.76 18.10
CA THR A 256 2.02 -22.22 18.21
C THR A 256 1.42 -22.70 19.55
N MET A 257 1.84 -22.06 20.65
CA MET A 257 1.37 -22.36 21.99
C MET A 257 -0.11 -22.03 22.16
N MET A 258 -0.64 -21.00 21.47
CA MET A 258 -2.06 -20.67 21.50
C MET A 258 -2.88 -21.86 21.04
N CYS A 259 -2.46 -22.51 19.92
CA CYS A 259 -3.08 -23.70 19.33
C CYS A 259 -2.99 -24.90 20.27
N VAL A 260 -1.87 -25.02 21.02
CA VAL A 260 -1.69 -26.08 22.02
C VAL A 260 -2.69 -25.82 23.17
N ASP A 261 -2.82 -24.54 23.59
CA ASP A 261 -3.72 -24.08 24.66
C ASP A 261 -5.19 -24.32 24.31
N ARG A 262 -5.56 -24.10 23.03
CA ARG A 262 -6.91 -24.32 22.49
C ARG A 262 -7.19 -25.81 22.49
N TYR A 263 -6.18 -26.61 22.11
CA TYR A 263 -6.24 -28.08 22.09
C TYR A 263 -6.57 -28.65 23.49
N ILE A 264 -5.92 -28.13 24.54
CA ILE A 264 -6.11 -28.57 25.91
C ILE A 264 -7.52 -28.23 26.39
N ALA A 265 -7.98 -27.01 26.07
CA ALA A 265 -9.32 -26.49 26.38
C ALA A 265 -10.42 -27.36 25.77
N VAL A 266 -10.29 -27.69 24.46
CA VAL A 266 -11.26 -28.45 23.68
C VAL A 266 -11.27 -29.97 24.00
N CYS A 267 -10.07 -30.62 24.04
CA CYS A 267 -9.91 -32.07 24.21
C CYS A 267 -9.84 -32.55 25.65
N HIS A 268 -9.43 -31.68 26.60
CA HIS A 268 -9.37 -32.03 28.04
C HIS A 268 -10.03 -30.88 28.85
N PRO A 269 -11.38 -30.65 28.74
CA PRO A 269 -11.98 -29.51 29.44
C PRO A 269 -11.97 -29.56 30.97
N VAL A 270 -11.89 -30.76 31.54
CA VAL A 270 -11.86 -30.91 33.00
C VAL A 270 -10.45 -30.69 33.55
N LYS A 271 -9.44 -31.29 32.88
CA LYS A 271 -8.02 -31.16 33.25
C LYS A 271 -7.52 -29.74 32.97
N ALA A 272 -8.09 -29.07 31.94
CA ALA A 272 -7.76 -27.70 31.55
C ALA A 272 -8.05 -26.67 32.66
N LEU A 273 -8.95 -26.99 33.60
CA LEU A 273 -9.28 -26.08 34.71
C LEU A 273 -8.10 -25.89 35.67
N ASP A 274 -7.11 -26.81 35.58
CA ASP A 274 -5.87 -26.79 36.34
C ASP A 274 -4.76 -26.18 35.49
N PHE A 275 -4.56 -26.68 34.23
CA PHE A 275 -3.50 -26.18 33.35
C PHE A 275 -3.74 -24.76 32.84
N ARG A 276 -4.93 -24.46 32.28
CA ARG A 276 -5.19 -23.16 31.66
C ARG A 276 -5.38 -22.00 32.66
N THR A 277 -4.54 -21.98 33.70
CA THR A 277 -4.46 -20.96 34.75
C THR A 277 -3.69 -19.71 34.21
N PRO A 278 -4.07 -18.46 34.58
CA PRO A 278 -3.33 -17.29 34.05
C PRO A 278 -1.86 -17.25 34.43
N ALA A 279 -1.49 -17.69 35.66
CA ALA A 279 -0.09 -17.75 36.11
C ALA A 279 0.73 -18.76 35.31
N LYS A 280 0.09 -19.83 34.79
CA LYS A 280 0.75 -20.83 33.93
C LYS A 280 0.93 -20.28 32.51
N ALA A 281 -0.07 -19.52 32.00
CA ALA A 281 0.00 -18.87 30.68
C ALA A 281 1.06 -17.78 30.67
N LYS A 282 1.12 -16.98 31.77
CA LYS A 282 2.10 -15.91 32.00
C LYS A 282 3.52 -16.47 31.85
N LEU A 283 3.83 -17.58 32.55
CA LEU A 283 5.11 -18.30 32.56
C LEU A 283 5.54 -18.79 31.16
N ILE A 284 4.61 -19.46 30.42
CA ILE A 284 4.87 -19.97 29.06
C ILE A 284 5.36 -18.84 28.16
N ASN A 285 4.64 -17.70 28.14
CA ASN A 285 4.98 -16.53 27.30
C ASN A 285 6.32 -15.91 27.68
N ILE A 286 6.65 -15.80 29.01
CA ILE A 286 7.95 -15.29 29.48
C ILE A 286 9.04 -16.21 28.96
N CYS A 287 8.85 -17.55 29.07
CA CYS A 287 9.81 -18.54 28.58
C CYS A 287 10.09 -18.38 27.09
N ILE A 288 9.05 -18.09 26.28
CA ILE A 288 9.18 -17.86 24.83
C ILE A 288 10.08 -16.62 24.60
N TRP A 289 9.73 -15.47 25.21
CA TRP A 289 10.45 -14.20 25.10
C TRP A 289 11.87 -14.24 25.65
N VAL A 290 12.13 -15.09 26.66
CA VAL A 290 13.48 -15.23 27.21
C VAL A 290 14.29 -16.22 26.35
N LEU A 291 13.64 -17.32 25.87
CA LEU A 291 14.22 -18.36 24.99
C LEU A 291 14.66 -17.76 23.67
N ALA A 292 13.81 -16.91 23.06
CA ALA A 292 14.04 -16.28 21.76
C ALA A 292 15.27 -15.33 21.69
N SER A 293 15.93 -15.03 22.84
CA SER A 293 17.13 -14.19 22.94
C SER A 293 18.40 -14.91 22.41
N GLY A 294 18.30 -16.23 22.20
CA GLY A 294 19.36 -17.03 21.60
C GLY A 294 19.43 -16.79 20.10
N VAL A 295 18.44 -16.04 19.57
CA VAL A 295 18.34 -15.65 18.16
C VAL A 295 18.56 -14.11 18.05
N GLY A 296 17.85 -13.34 18.86
CA GLY A 296 17.94 -11.88 18.92
C GLY A 296 19.32 -11.33 19.22
N VAL A 297 19.98 -11.83 20.26
CA VAL A 297 21.34 -11.42 20.67
C VAL A 297 22.41 -11.80 19.59
N PRO A 298 22.57 -13.09 19.15
CA PRO A 298 23.57 -13.37 18.10
C PRO A 298 23.39 -12.54 16.82
N ILE A 299 22.11 -12.24 16.42
CA ILE A 299 21.80 -11.41 15.24
C ILE A 299 22.26 -9.97 15.50
N MET A 300 22.06 -9.48 16.75
CA MET A 300 22.51 -8.15 17.20
C MET A 300 24.06 -8.07 17.16
N VAL A 301 24.77 -9.16 17.50
CA VAL A 301 26.24 -9.19 17.48
C VAL A 301 26.79 -9.14 16.02
N MET A 302 26.23 -9.99 15.13
CA MET A 302 26.58 -10.14 13.71
C MET A 302 26.09 -9.02 12.79
N ALA A 303 24.98 -8.32 13.15
CA ALA A 303 24.43 -7.22 12.34
C ALA A 303 25.43 -6.06 12.22
N VAL A 304 25.89 -5.75 10.99
CA VAL A 304 26.87 -4.69 10.71
C VAL A 304 26.54 -3.92 9.43
N THR A 305 27.03 -2.67 9.33
CA THR A 305 26.93 -1.88 8.09
C THR A 305 28.30 -1.92 7.39
N ARG A 306 28.29 -2.31 6.11
CA ARG A 306 29.51 -2.44 5.30
C ARG A 306 29.40 -1.62 4.01
N PRO A 307 30.49 -1.00 3.50
CA PRO A 307 30.38 -0.24 2.26
C PRO A 307 30.48 -1.14 1.03
N ARG A 308 29.59 -0.93 0.04
CA ARG A 308 29.55 -1.70 -1.20
C ARG A 308 29.11 -0.77 -2.32
N ASP A 309 29.98 -0.60 -3.37
CA ASP A 309 29.74 0.22 -4.57
C ASP A 309 29.30 1.67 -4.25
N GLY A 310 29.98 2.31 -3.29
CA GLY A 310 29.64 3.68 -2.89
C GLY A 310 28.39 3.82 -2.02
N ALA A 311 27.60 2.75 -1.91
CA ALA A 311 26.40 2.65 -1.08
C ALA A 311 26.72 1.95 0.25
N VAL A 312 25.80 2.00 1.23
CA VAL A 312 25.99 1.35 2.54
C VAL A 312 24.98 0.20 2.64
N VAL A 313 25.47 -0.99 3.11
CA VAL A 313 24.70 -2.24 3.27
C VAL A 313 24.59 -2.63 4.74
N CYS A 314 23.35 -2.90 5.22
CA CYS A 314 23.01 -3.44 6.55
C CYS A 314 22.90 -4.95 6.29
N MET A 315 23.76 -5.72 6.95
CA MET A 315 23.91 -7.15 6.71
C MET A 315 24.37 -7.91 7.96
N LEU A 316 24.46 -9.25 7.88
CA LEU A 316 24.97 -10.09 8.97
C LEU A 316 26.36 -10.58 8.62
N GLN A 317 27.33 -10.34 9.52
CA GLN A 317 28.71 -10.74 9.41
C GLN A 317 28.87 -12.07 10.15
N PHE A 318 28.79 -13.18 9.39
CA PHE A 318 28.92 -14.55 9.91
C PHE A 318 30.39 -14.95 10.09
N PRO A 319 30.70 -15.82 11.10
CA PRO A 319 32.10 -16.25 11.30
C PRO A 319 32.64 -17.07 10.13
N SER A 320 33.97 -17.28 10.07
CA SER A 320 34.61 -18.05 8.98
C SER A 320 34.18 -19.55 8.97
N PRO A 321 33.68 -20.12 7.83
CA PRO A 321 33.36 -19.50 6.53
C PRO A 321 31.97 -18.87 6.57
N SER A 322 31.89 -17.58 6.26
CA SER A 322 30.65 -16.83 6.37
C SER A 322 29.50 -17.40 5.53
N TRP A 323 29.82 -17.88 4.31
CA TRP A 323 28.84 -18.48 3.38
C TRP A 323 28.17 -19.72 3.99
N TYR A 324 28.95 -20.51 4.79
CA TYR A 324 28.49 -21.74 5.44
C TYR A 324 27.45 -21.42 6.53
N TRP A 325 27.87 -20.64 7.54
CA TRP A 325 27.05 -20.20 8.66
C TRP A 325 25.82 -19.41 8.26
N ASP A 326 25.89 -18.74 7.10
CA ASP A 326 24.78 -17.99 6.54
C ASP A 326 23.74 -19.00 6.05
N THR A 327 24.19 -20.04 5.32
CA THR A 327 23.33 -21.11 4.80
C THR A 327 22.70 -21.93 5.96
N VAL A 328 23.48 -22.23 7.03
CA VAL A 328 23.06 -22.95 8.25
C VAL A 328 21.93 -22.19 8.98
N THR A 329 22.06 -20.84 9.08
CA THR A 329 21.08 -19.93 9.69
C THR A 329 19.76 -19.98 8.93
N LYS A 330 19.83 -19.94 7.59
CA LYS A 330 18.65 -20.01 6.71
C LYS A 330 17.95 -21.36 6.87
N ILE A 331 18.73 -22.48 7.07
CA ILE A 331 18.18 -23.83 7.28
C ILE A 331 17.48 -23.91 8.65
N CYS A 332 18.16 -23.48 9.74
CA CYS A 332 17.60 -23.47 11.10
C CYS A 332 16.36 -22.57 11.25
N VAL A 333 16.35 -21.43 10.54
CA VAL A 333 15.18 -20.55 10.58
C VAL A 333 13.99 -21.24 9.89
N PHE A 334 14.23 -21.88 8.71
CA PHE A 334 13.18 -22.61 7.98
C PHE A 334 12.60 -23.79 8.79
N LEU A 335 13.45 -24.49 9.54
CA LEU A 335 13.04 -25.65 10.32
C LEU A 335 12.33 -25.32 11.63
N PHE A 336 12.86 -24.37 12.43
CA PHE A 336 12.30 -24.00 13.71
C PHE A 336 11.10 -23.08 13.62
N ALA A 337 11.16 -22.05 12.75
CA ALA A 337 10.10 -21.04 12.59
C ALA A 337 9.02 -21.37 11.53
N PHE A 338 9.21 -22.44 10.72
CA PHE A 338 8.21 -22.82 9.71
C PHE A 338 7.75 -24.28 9.82
N VAL A 339 8.67 -25.24 9.69
CA VAL A 339 8.39 -26.68 9.73
C VAL A 339 7.86 -27.10 11.10
N VAL A 340 8.63 -26.80 12.18
CA VAL A 340 8.27 -27.21 13.54
C VAL A 340 6.90 -26.63 13.91
N PRO A 341 6.63 -25.30 13.70
CA PRO A 341 5.29 -24.76 14.02
C PRO A 341 4.16 -25.39 13.24
N ILE A 342 4.34 -25.69 11.93
CA ILE A 342 3.31 -26.36 11.12
C ILE A 342 2.96 -27.73 11.67
N LEU A 343 3.97 -28.55 11.98
CA LEU A 343 3.81 -29.89 12.56
C LEU A 343 2.99 -29.83 13.84
N ILE A 344 3.45 -29.06 14.85
CA ILE A 344 2.76 -28.95 16.15
C ILE A 344 1.27 -28.56 15.97
N ILE A 345 1.00 -27.50 15.17
CA ILE A 345 -0.36 -27.01 14.91
C ILE A 345 -1.22 -28.05 14.13
N THR A 346 -0.64 -28.72 13.10
CA THR A 346 -1.37 -29.75 12.32
C THR A 346 -1.73 -30.92 13.22
N VAL A 347 -0.80 -31.32 14.10
CA VAL A 347 -1.02 -32.38 15.07
C VAL A 347 -2.12 -31.96 16.06
N CYS A 348 -2.14 -30.67 16.50
CA CYS A 348 -3.20 -30.11 17.36
C CYS A 348 -4.56 -30.20 16.66
N TYR A 349 -4.61 -29.92 15.34
CA TYR A 349 -5.82 -30.01 14.52
C TYR A 349 -6.32 -31.45 14.38
N GLY A 350 -5.44 -32.34 13.89
CA GLY A 350 -5.73 -33.76 13.70
C GLY A 350 -6.26 -34.45 14.93
N LEU A 351 -5.72 -34.09 16.11
CA LEU A 351 -6.15 -34.64 17.41
C LEU A 351 -7.53 -34.10 17.75
N MET A 352 -7.75 -32.78 17.53
CA MET A 352 -9.02 -32.09 17.76
C MET A 352 -10.15 -32.68 16.90
N LEU A 353 -9.88 -32.98 15.60
CA LEU A 353 -10.89 -33.58 14.71
C LEU A 353 -11.24 -34.99 15.15
N LEU A 354 -10.26 -35.73 15.67
CA LEU A 354 -10.42 -37.10 16.17
C LEU A 354 -11.27 -37.12 17.46
N ARG A 355 -10.97 -36.20 18.41
CA ARG A 355 -11.65 -36.06 19.70
C ARG A 355 -13.09 -35.60 19.54
N LEU A 356 -13.40 -34.92 18.41
CA LEU A 356 -14.75 -34.48 18.11
C LEU A 356 -15.48 -35.48 17.20
N ARG A 357 -14.73 -36.34 16.47
CA ARG A 357 -15.29 -37.42 15.64
C ARG A 357 -15.85 -38.51 16.57
N SER A 358 -15.25 -38.67 17.78
CA SER A 358 -15.67 -39.63 18.81
C SER A 358 -16.99 -39.22 19.48
N VAL A 359 -17.15 -37.90 19.77
CA VAL A 359 -18.35 -37.29 20.36
C VAL A 359 -19.51 -37.40 19.34
N ARG A 360 -19.17 -37.25 18.03
CA ARG A 360 -20.07 -37.39 16.88
C ARG A 360 -20.48 -38.88 16.78
N LEU A 361 -19.51 -39.80 16.98
CA LEU A 361 -19.70 -41.25 16.96
C LEU A 361 -20.51 -41.73 18.17
N LEU A 362 -20.44 -40.97 19.29
CA LEU A 362 -21.17 -41.26 20.53
C LEU A 362 -22.67 -41.04 20.36
N SER A 363 -23.04 -40.02 19.55
CA SER A 363 -24.42 -39.62 19.21
C SER A 363 -25.30 -39.41 20.47
N GLY A 364 -24.87 -38.46 21.30
CA GLY A 364 -25.55 -38.08 22.53
C GLY A 364 -26.25 -36.75 22.39
N SER A 365 -25.46 -35.68 22.18
CA SER A 365 -25.94 -34.32 21.99
C SER A 365 -24.91 -33.47 21.22
N LYS A 366 -25.21 -33.16 19.95
CA LYS A 366 -24.39 -32.32 19.08
C LYS A 366 -24.90 -30.86 19.20
N GLU A 367 -25.83 -30.61 20.17
CA GLU A 367 -26.44 -29.32 20.48
C GLU A 367 -25.44 -28.28 20.99
N LYS A 368 -24.37 -28.74 21.67
CA LYS A 368 -23.29 -27.89 22.20
C LYS A 368 -21.89 -28.40 21.83
N ASP A 369 -21.82 -29.60 21.18
CA ASP A 369 -20.58 -30.21 20.71
C ASP A 369 -20.07 -29.48 19.46
N ARG A 370 -20.99 -28.84 18.70
CA ARG A 370 -20.68 -28.07 17.50
C ARG A 370 -19.97 -26.76 17.83
N SER A 371 -20.11 -26.27 19.09
CA SER A 371 -19.47 -25.05 19.60
C SER A 371 -17.94 -25.19 19.72
N LEU A 372 -17.44 -26.44 19.71
CA LEU A 372 -16.01 -26.75 19.77
C LEU A 372 -15.50 -27.05 18.36
N ARG A 373 -16.40 -27.50 17.45
CA ARG A 373 -16.12 -27.78 16.03
C ARG A 373 -15.74 -26.49 15.29
N ARG A 374 -16.26 -25.34 15.76
CA ARG A 374 -15.95 -24.03 15.19
C ARG A 374 -14.51 -23.61 15.55
N ILE A 375 -14.00 -24.08 16.74
CA ILE A 375 -12.65 -23.82 17.24
C ILE A 375 -11.60 -24.60 16.44
N THR A 376 -11.90 -25.86 16.05
CA THR A 376 -10.99 -26.69 15.26
C THR A 376 -10.95 -26.21 13.80
N ARG A 377 -12.08 -25.70 13.26
CA ARG A 377 -12.16 -25.15 11.90
C ARG A 377 -11.29 -23.91 11.81
N MET A 378 -11.21 -23.15 12.92
CA MET A 378 -10.38 -21.96 13.10
C MET A 378 -8.88 -22.36 13.15
N VAL A 379 -8.56 -23.57 13.65
CA VAL A 379 -7.18 -24.10 13.72
C VAL A 379 -6.72 -24.41 12.28
N LEU A 380 -7.64 -24.91 11.42
CA LEU A 380 -7.36 -25.15 10.01
C LEU A 380 -7.13 -23.81 9.32
N VAL A 381 -7.90 -22.77 9.72
CA VAL A 381 -7.77 -21.41 9.18
C VAL A 381 -6.36 -20.85 9.48
N VAL A 382 -5.94 -20.90 10.77
CA VAL A 382 -4.62 -20.46 11.27
C VAL A 382 -3.46 -21.19 10.54
N VAL A 383 -3.58 -22.52 10.34
CA VAL A 383 -2.50 -23.28 9.68
C VAL A 383 -2.37 -22.94 8.17
N VAL A 384 -3.50 -22.81 7.43
CA VAL A 384 -3.52 -22.46 5.99
C VAL A 384 -2.97 -21.04 5.79
N ALA A 385 -3.42 -20.07 6.62
CA ALA A 385 -2.95 -18.68 6.58
C ALA A 385 -1.43 -18.62 6.81
N PHE A 386 -0.91 -19.36 7.81
CA PHE A 386 0.52 -19.43 8.15
C PHE A 386 1.32 -20.00 6.97
N VAL A 387 0.79 -21.06 6.32
CA VAL A 387 1.45 -21.66 5.16
C VAL A 387 1.47 -20.68 3.99
N VAL A 388 0.28 -20.17 3.55
CA VAL A 388 0.14 -19.25 2.41
C VAL A 388 0.99 -17.96 2.56
N CYS A 389 1.11 -17.41 3.78
CA CYS A 389 1.89 -16.20 4.08
C CYS A 389 3.41 -16.40 4.12
N TRP A 390 3.86 -17.48 4.77
CA TRP A 390 5.26 -17.80 5.01
C TRP A 390 5.94 -18.67 3.96
N ALA A 391 5.20 -19.60 3.31
CA ALA A 391 5.74 -20.48 2.27
C ALA A 391 6.40 -19.74 1.10
N PRO A 392 5.79 -18.69 0.47
CA PRO A 392 6.46 -18.00 -0.66
C PRO A 392 7.86 -17.43 -0.37
N ILE A 393 8.06 -16.75 0.79
CA ILE A 393 9.37 -16.18 1.15
C ILE A 393 10.35 -17.28 1.55
N HIS A 394 9.87 -18.31 2.29
CA HIS A 394 10.76 -19.39 2.67
C HIS A 394 11.27 -20.14 1.44
N ILE A 395 10.44 -20.30 0.38
CA ILE A 395 10.86 -20.92 -0.90
C ILE A 395 11.78 -19.94 -1.65
N PHE A 396 11.52 -18.62 -1.53
CA PHE A 396 12.34 -17.59 -2.16
C PHE A 396 13.78 -17.62 -1.61
N VAL A 397 13.94 -17.73 -0.27
CA VAL A 397 15.25 -17.82 0.42
C VAL A 397 16.01 -19.09 -0.01
N ILE A 398 15.30 -20.21 -0.21
CA ILE A 398 15.93 -21.46 -0.65
C ILE A 398 16.41 -21.32 -2.12
N VAL A 399 15.57 -20.76 -3.02
CA VAL A 399 15.95 -20.56 -4.42
C VAL A 399 17.09 -19.51 -4.53
N TRP A 400 17.00 -18.38 -3.77
CA TRP A 400 18.04 -17.34 -3.75
C TRP A 400 19.44 -17.86 -3.42
N THR A 401 19.52 -18.83 -2.50
CA THR A 401 20.77 -19.44 -2.01
C THR A 401 21.40 -20.44 -2.98
N LEU A 402 20.57 -21.15 -3.77
CA LEU A 402 21.02 -22.20 -4.69
C LEU A 402 21.15 -21.78 -6.17
N VAL A 403 20.40 -20.74 -6.57
CA VAL A 403 20.31 -20.24 -7.94
C VAL A 403 20.60 -18.75 -8.04
N ASP A 404 21.15 -18.31 -9.19
CA ASP A 404 21.42 -16.92 -9.54
C ASP A 404 20.13 -16.29 -10.05
N ILE A 405 19.67 -15.24 -9.36
CA ILE A 405 18.41 -14.53 -9.64
C ILE A 405 18.73 -13.12 -10.10
N ASP A 406 18.06 -12.66 -11.19
CA ASP A 406 18.23 -11.32 -11.75
C ASP A 406 17.67 -10.25 -10.78
N ARG A 407 18.52 -9.78 -9.83
CA ARG A 407 18.24 -8.75 -8.82
C ARG A 407 17.58 -7.48 -9.39
N ARG A 408 17.84 -7.17 -10.67
CA ARG A 408 17.37 -5.98 -11.39
C ARG A 408 15.96 -6.13 -11.99
N ASP A 409 15.60 -7.33 -12.50
CA ASP A 409 14.29 -7.63 -13.11
C ASP A 409 13.14 -7.17 -12.21
N PRO A 410 12.22 -6.30 -12.72
CA PRO A 410 11.09 -5.81 -11.89
C PRO A 410 10.08 -6.87 -11.42
N LEU A 411 10.06 -8.04 -12.09
CA LEU A 411 9.19 -9.15 -11.73
C LEU A 411 9.69 -9.77 -10.43
N VAL A 412 11.04 -9.96 -10.31
CA VAL A 412 11.65 -10.56 -9.10
C VAL A 412 11.54 -9.56 -7.93
N VAL A 413 11.69 -8.25 -8.18
CA VAL A 413 11.58 -7.22 -7.15
C VAL A 413 10.15 -7.17 -6.59
N ALA A 414 9.13 -7.10 -7.48
CA ALA A 414 7.71 -7.08 -7.13
C ALA A 414 7.38 -8.29 -6.24
N ALA A 415 7.78 -9.49 -6.72
CA ALA A 415 7.55 -10.76 -6.03
C ALA A 415 8.30 -10.84 -4.70
N LEU A 416 9.53 -10.32 -4.62
CA LEU A 416 10.31 -10.37 -3.39
C LEU A 416 9.66 -9.59 -2.26
N HIS A 417 9.32 -8.32 -2.50
CA HIS A 417 8.71 -7.45 -1.50
C HIS A 417 7.27 -7.85 -1.12
N LEU A 418 6.55 -8.53 -2.04
CA LEU A 418 5.22 -9.06 -1.77
C LEU A 418 5.39 -10.23 -0.79
N CYS A 419 6.45 -11.05 -1.03
CA CYS A 419 6.80 -12.22 -0.23
C CYS A 419 7.17 -11.84 1.19
N ILE A 420 8.08 -10.85 1.33
CA ILE A 420 8.52 -10.31 2.62
C ILE A 420 7.31 -9.78 3.41
N ALA A 421 6.45 -9.00 2.74
CA ALA A 421 5.23 -8.39 3.29
C ALA A 421 4.20 -9.39 3.81
N LEU A 422 4.00 -10.53 3.11
CA LEU A 422 2.99 -11.52 3.54
C LEU A 422 3.29 -12.06 4.96
N GLY A 423 4.58 -12.29 5.26
CA GLY A 423 5.09 -12.71 6.56
C GLY A 423 4.67 -11.73 7.64
N TYR A 424 4.78 -10.41 7.36
CA TYR A 424 4.33 -9.35 8.27
C TYR A 424 2.81 -9.30 8.39
N ILE A 425 2.08 -9.52 7.26
CA ILE A 425 0.62 -9.55 7.24
C ILE A 425 0.13 -10.62 8.24
N ASN A 426 0.79 -11.79 8.27
CA ASN A 426 0.45 -12.89 9.17
C ASN A 426 0.75 -12.56 10.64
N SER A 427 1.96 -12.05 10.93
CA SER A 427 2.45 -11.73 12.28
C SER A 427 1.65 -10.63 12.97
N SER A 428 1.14 -9.67 12.18
CA SER A 428 0.33 -8.56 12.69
C SER A 428 -1.21 -8.79 12.57
N LEU A 429 -1.67 -9.68 11.66
CA LEU A 429 -3.10 -9.94 11.48
C LEU A 429 -3.64 -11.06 12.38
N ASN A 430 -2.80 -12.05 12.77
CA ASN A 430 -3.24 -13.11 13.71
C ASN A 430 -3.70 -12.50 15.06
N PRO A 431 -2.95 -11.55 15.71
CA PRO A 431 -3.45 -10.99 16.99
C PRO A 431 -4.71 -10.14 16.86
N VAL A 432 -4.79 -9.26 15.83
CA VAL A 432 -5.95 -8.39 15.64
C VAL A 432 -7.21 -9.19 15.29
N LEU A 433 -7.13 -10.16 14.35
CA LEU A 433 -8.26 -10.99 13.97
C LEU A 433 -8.78 -11.83 15.13
N TYR A 434 -7.86 -12.38 15.96
CA TYR A 434 -8.25 -13.15 17.15
C TYR A 434 -8.98 -12.25 18.15
N ALA A 435 -8.34 -11.14 18.55
CA ALA A 435 -8.86 -10.16 19.51
C ALA A 435 -10.22 -9.55 19.09
N PHE A 436 -10.34 -9.08 17.83
CA PHE A 436 -11.59 -8.46 17.40
C PHE A 436 -12.69 -9.49 17.12
N LEU A 437 -12.39 -10.78 17.25
CA LEU A 437 -13.42 -11.82 17.14
C LEU A 437 -13.67 -12.50 18.51
N ASP A 438 -12.92 -12.08 19.57
CA ASP A 438 -13.03 -12.53 20.96
C ASP A 438 -14.22 -11.77 21.57
N LYS A 439 -15.21 -12.50 22.13
CA LYS A 439 -16.44 -11.94 22.73
C LYS A 439 -16.18 -10.91 23.83
N ASN A 440 -15.31 -11.26 24.80
CA ASN A 440 -14.90 -10.43 25.93
C ASN A 440 -14.24 -9.12 25.46
N PHE A 441 -13.21 -9.23 24.55
CA PHE A 441 -12.46 -8.13 23.95
C PHE A 441 -13.35 -7.17 23.16
N LYS A 442 -14.28 -7.71 22.36
CA LYS A 442 -15.25 -6.96 21.56
C LYS A 442 -16.09 -6.02 22.44
N ARG A 443 -16.57 -6.51 23.61
CA ARG A 443 -17.36 -5.73 24.57
C ARG A 443 -16.50 -4.61 25.21
N CYS A 444 -15.24 -4.93 25.56
CA CYS A 444 -14.30 -3.99 26.19
C CYS A 444 -13.80 -2.88 25.25
N PHE A 445 -13.80 -3.13 23.92
CA PHE A 445 -13.39 -2.13 22.91
C PHE A 445 -14.57 -1.22 22.57
N ASP B 52 -27.46 -15.99 23.94
CA ASP B 52 -26.49 -15.17 23.22
C ASP B 52 -26.86 -15.06 21.74
N LEU B 53 -26.89 -13.82 21.20
CA LEU B 53 -27.21 -13.51 19.80
C LEU B 53 -26.22 -14.14 18.81
N GLU B 54 -24.93 -14.20 19.19
CA GLU B 54 -23.86 -14.80 18.38
C GLU B 54 -24.02 -16.32 18.33
N ASP B 55 -24.42 -16.93 19.46
CA ASP B 55 -24.67 -18.37 19.60
C ASP B 55 -25.94 -18.77 18.84
N ASN B 56 -26.97 -17.89 18.87
CA ASN B 56 -28.24 -18.10 18.16
C ASN B 56 -28.03 -18.01 16.64
N TRP B 57 -27.20 -17.04 16.19
CA TRP B 57 -26.82 -16.79 14.79
C TRP B 57 -26.15 -18.01 14.16
N GLU B 58 -25.31 -18.70 14.96
CA GLU B 58 -24.58 -19.90 14.55
C GLU B 58 -25.52 -21.10 14.42
N THR B 59 -26.41 -21.33 15.44
CA THR B 59 -27.37 -22.45 15.45
C THR B 59 -28.37 -22.38 14.28
N LEU B 60 -28.61 -21.16 13.74
CA LEU B 60 -29.48 -20.94 12.59
C LEU B 60 -28.79 -21.44 11.33
N ASN B 61 -27.47 -21.16 11.22
CA ASN B 61 -26.61 -21.52 10.09
C ASN B 61 -26.22 -23.00 10.08
N ASP B 62 -25.70 -23.52 11.23
CA ASP B 62 -25.26 -24.91 11.43
C ASP B 62 -26.38 -25.94 11.29
N ASN B 63 -27.64 -25.47 11.17
CA ASN B 63 -28.85 -26.26 11.01
C ASN B 63 -29.40 -26.18 9.57
N LEU B 64 -29.04 -25.13 8.80
CA LEU B 64 -29.41 -24.98 7.39
C LEU B 64 -28.69 -26.07 6.56
N LYS B 65 -27.51 -26.52 7.02
CA LYS B 65 -26.69 -27.55 6.39
C LYS B 65 -27.17 -28.98 6.72
N VAL B 66 -27.90 -29.16 7.85
CA VAL B 66 -28.46 -30.46 8.28
C VAL B 66 -29.60 -30.87 7.30
N ILE B 67 -30.30 -29.87 6.72
CA ILE B 67 -31.38 -30.06 5.75
C ILE B 67 -30.80 -30.52 4.40
N GLU B 68 -29.72 -29.85 3.95
CA GLU B 68 -29.02 -30.14 2.70
C GLU B 68 -27.93 -31.19 2.93
N ALA B 73 -37.08 -35.83 5.61
CA ALA B 73 -38.49 -35.56 5.87
C ALA B 73 -38.74 -35.24 7.34
N ALA B 74 -38.31 -36.13 8.24
CA ALA B 74 -38.42 -35.96 9.69
C ALA B 74 -37.24 -35.15 10.22
N GLN B 75 -36.05 -35.37 9.62
CA GLN B 75 -34.81 -34.66 9.95
C GLN B 75 -34.90 -33.19 9.58
N VAL B 76 -35.49 -32.87 8.41
CA VAL B 76 -35.66 -31.48 7.93
C VAL B 76 -36.69 -30.72 8.77
N LYS B 77 -37.72 -31.43 9.29
CA LYS B 77 -38.77 -30.87 10.15
C LYS B 77 -38.22 -30.54 11.54
N ASP B 78 -37.47 -31.50 12.15
CA ASP B 78 -36.81 -31.36 13.46
C ASP B 78 -35.74 -30.26 13.44
N ALA B 79 -35.16 -30.01 12.26
CA ALA B 79 -34.16 -28.97 12.04
C ALA B 79 -34.85 -27.60 11.97
N LEU B 80 -35.95 -27.52 11.19
CA LEU B 80 -36.78 -26.33 10.99
C LEU B 80 -37.37 -25.81 12.30
N THR B 81 -37.84 -26.71 13.20
CA THR B 81 -38.38 -26.33 14.51
C THR B 81 -37.26 -25.82 15.44
N LYS B 82 -36.06 -26.45 15.36
CA LYS B 82 -34.88 -26.06 16.14
C LYS B 82 -34.44 -24.65 15.73
N MET B 83 -34.57 -24.32 14.42
CA MET B 83 -34.25 -23.02 13.82
C MET B 83 -35.15 -21.89 14.34
N ARG B 84 -36.46 -22.17 14.52
CA ARG B 84 -37.47 -21.21 14.98
C ARG B 84 -37.28 -20.75 16.41
N ALA B 85 -36.94 -21.67 17.34
CA ALA B 85 -36.71 -21.38 18.75
C ALA B 85 -35.48 -20.48 18.94
N ALA B 86 -34.45 -20.69 18.09
CA ALA B 86 -33.23 -19.88 18.07
C ALA B 86 -33.59 -18.50 17.51
N ALA B 87 -34.36 -18.46 16.39
CA ALA B 87 -34.82 -17.23 15.71
C ALA B 87 -35.72 -16.35 16.60
N LEU B 88 -36.46 -16.98 17.54
CA LEU B 88 -37.32 -16.28 18.50
C LEU B 88 -36.45 -15.59 19.55
N ASP B 89 -35.42 -16.32 20.06
CA ASP B 89 -34.45 -15.82 21.03
C ASP B 89 -33.44 -14.85 20.39
N ALA B 90 -33.31 -14.87 19.04
CA ALA B 90 -32.42 -13.99 18.26
C ALA B 90 -33.05 -12.59 18.11
N GLN B 91 -34.41 -12.54 18.02
CA GLN B 91 -35.20 -11.30 17.91
C GLN B 91 -35.13 -10.56 19.26
N LYS B 92 -35.08 -11.34 20.38
CA LYS B 92 -34.99 -10.87 21.77
C LYS B 92 -33.59 -10.31 22.04
N MET B 108 -32.92 -0.61 15.49
CA MET B 108 -33.10 -1.82 16.30
C MET B 108 -34.38 -2.58 15.93
N LYS B 109 -35.48 -1.85 15.64
CA LYS B 109 -36.78 -2.40 15.26
C LYS B 109 -36.73 -3.07 13.87
N ASP B 110 -35.79 -2.63 13.00
CA ASP B 110 -35.57 -3.14 11.65
C ASP B 110 -34.96 -4.55 11.68
N PHE B 111 -34.07 -4.79 12.67
CA PHE B 111 -33.43 -6.09 12.91
C PHE B 111 -34.52 -7.06 13.38
N ARG B 112 -35.42 -6.61 14.30
CA ARG B 112 -36.54 -7.39 14.86
C ARG B 112 -37.56 -7.80 13.78
N HIS B 113 -37.70 -6.96 12.73
CA HIS B 113 -38.57 -7.20 11.57
C HIS B 113 -38.02 -8.37 10.74
N GLY B 114 -36.68 -8.45 10.64
CA GLY B 114 -35.96 -9.51 9.91
C GLY B 114 -36.27 -10.91 10.42
N PHE B 115 -36.34 -11.07 11.76
CA PHE B 115 -36.67 -12.34 12.40
C PHE B 115 -38.17 -12.67 12.27
N ASP B 116 -39.05 -11.66 12.08
CA ASP B 116 -40.50 -11.85 11.86
C ASP B 116 -40.75 -12.45 10.47
N ILE B 117 -39.95 -12.03 9.45
CA ILE B 117 -39.98 -12.54 8.07
C ILE B 117 -39.39 -13.96 8.09
N LEU B 118 -38.29 -14.15 8.86
CA LEU B 118 -37.60 -15.42 9.04
C LEU B 118 -38.51 -16.46 9.72
N VAL B 119 -39.21 -16.10 10.83
CA VAL B 119 -40.15 -16.99 11.54
C VAL B 119 -41.26 -17.44 10.59
N GLY B 120 -41.85 -16.47 9.89
CA GLY B 120 -42.94 -16.66 8.93
C GLY B 120 -42.61 -17.58 7.77
N GLN B 121 -41.38 -17.48 7.24
CA GLN B 121 -40.89 -18.31 6.13
C GLN B 121 -40.66 -19.75 6.62
N ILE B 122 -40.09 -19.91 7.84
CA ILE B 122 -39.85 -21.19 8.52
C ILE B 122 -41.21 -21.91 8.71
N ASP B 123 -42.27 -21.14 9.04
CA ASP B 123 -43.64 -21.64 9.22
C ASP B 123 -44.17 -22.29 7.93
N ASP B 124 -43.86 -21.67 6.77
CA ASP B 124 -44.28 -22.16 5.44
C ASP B 124 -43.49 -23.41 5.03
N ALA B 125 -42.22 -23.50 5.51
CA ALA B 125 -41.34 -24.64 5.27
C ALA B 125 -41.73 -25.84 6.15
N LEU B 126 -42.25 -25.57 7.37
CA LEU B 126 -42.75 -26.58 8.32
C LEU B 126 -44.03 -27.22 7.75
N LYS B 127 -44.82 -26.41 7.01
CA LYS B 127 -46.04 -26.82 6.30
C LYS B 127 -45.61 -27.74 5.15
N LEU B 128 -44.56 -27.31 4.40
CA LEU B 128 -43.98 -28.04 3.27
C LEU B 128 -42.99 -29.10 3.74
N ALA B 140 -38.82 -21.36 -0.30
CA ALA B 140 -38.78 -21.75 1.11
C ALA B 140 -37.50 -22.50 1.47
N ALA B 141 -37.02 -23.37 0.56
CA ALA B 141 -35.82 -24.21 0.72
C ALA B 141 -34.56 -23.38 1.00
N GLU B 142 -34.27 -22.38 0.15
CA GLU B 142 -33.11 -21.49 0.26
C GLU B 142 -33.55 -20.02 0.37
N GLN B 143 -34.90 -19.77 0.42
CA GLN B 143 -35.50 -18.43 0.55
C GLN B 143 -35.22 -17.80 1.91
N LEU B 144 -34.89 -18.63 2.92
CA LEU B 144 -34.55 -18.19 4.27
C LEU B 144 -33.17 -17.53 4.28
N LYS B 145 -32.27 -17.93 3.35
CA LYS B 145 -30.91 -17.38 3.20
C LYS B 145 -30.97 -15.96 2.62
N THR B 146 -31.98 -15.68 1.77
CA THR B 146 -32.22 -14.37 1.15
C THR B 146 -32.82 -13.41 2.19
N THR B 147 -33.67 -13.94 3.09
CA THR B 147 -34.29 -13.15 4.18
C THR B 147 -33.27 -12.93 5.31
N ARG B 148 -32.22 -13.79 5.40
CA ARG B 148 -31.14 -13.70 6.38
C ARG B 148 -30.26 -12.48 6.12
N ASN B 149 -30.30 -11.96 4.87
CA ASN B 149 -29.59 -10.77 4.41
C ASN B 149 -30.25 -9.47 4.92
N ALA B 150 -31.31 -9.60 5.76
CA ALA B 150 -32.04 -8.49 6.40
C ALA B 150 -31.73 -8.47 7.91
N TYR B 151 -30.74 -9.29 8.36
CA TYR B 151 -30.32 -9.41 9.76
C TYR B 151 -28.79 -9.57 9.94
N ILE B 152 -28.06 -10.03 8.90
CA ILE B 152 -26.60 -10.27 8.92
C ILE B 152 -25.76 -8.99 9.07
N GLN B 153 -26.12 -7.92 8.32
CA GLN B 153 -25.46 -6.61 8.35
C GLN B 153 -25.65 -5.89 9.70
N LYS B 154 -26.84 -6.09 10.34
CA LYS B 154 -27.23 -5.52 11.64
C LYS B 154 -26.98 -6.51 12.78
N ARG B 157 -21.34 -11.18 7.23
CA ARG B 157 -20.93 -12.10 8.29
C ARG B 157 -20.02 -11.44 9.35
N SER B 158 -19.68 -12.20 10.43
CA SER B 158 -18.84 -11.76 11.56
C SER B 158 -17.45 -11.27 11.13
N ALA B 159 -16.56 -12.19 10.72
CA ALA B 159 -15.19 -11.91 10.27
C ALA B 159 -15.14 -11.12 8.94
N SER B 160 -16.17 -11.29 8.07
CA SER B 160 -16.34 -10.61 6.78
C SER B 160 -16.40 -9.07 6.93
N SER B 161 -17.01 -8.60 8.04
CA SER B 161 -17.12 -7.21 8.44
C SER B 161 -15.75 -6.69 8.88
N LEU B 162 -15.00 -7.50 9.66
CA LEU B 162 -13.67 -7.20 10.18
C LEU B 162 -12.63 -7.14 9.05
N ALA B 163 -12.74 -8.07 8.07
CA ALA B 163 -11.87 -8.14 6.90
C ALA B 163 -12.01 -6.87 6.10
N LEU B 164 -13.26 -6.38 5.97
CA LEU B 164 -13.62 -5.17 5.24
C LEU B 164 -13.05 -3.94 5.94
N ALA B 165 -13.26 -3.80 7.26
CA ALA B 165 -12.74 -2.69 8.06
C ALA B 165 -11.21 -2.63 7.97
N ILE B 166 -10.52 -3.80 7.95
CA ILE B 166 -9.06 -3.88 7.80
C ILE B 166 -8.63 -3.39 6.41
N ALA B 167 -9.28 -3.91 5.33
CA ALA B 167 -9.05 -3.55 3.93
C ALA B 167 -9.17 -2.04 3.71
N ILE B 168 -10.20 -1.40 4.31
CA ILE B 168 -10.42 0.04 4.20
C ILE B 168 -9.32 0.81 4.94
N THR B 169 -8.98 0.37 6.18
CA THR B 169 -7.91 0.93 7.02
C THR B 169 -6.58 0.89 6.26
N ALA B 170 -6.31 -0.26 5.57
CA ALA B 170 -5.12 -0.48 4.74
C ALA B 170 -5.11 0.43 3.51
N LEU B 171 -6.27 0.61 2.84
CA LEU B 171 -6.44 1.51 1.69
C LEU B 171 -6.22 2.98 2.09
N TYR B 172 -6.83 3.44 3.22
CA TYR B 172 -6.66 4.83 3.69
C TYR B 172 -5.22 5.10 4.12
N SER B 173 -4.58 4.13 4.81
CA SER B 173 -3.20 4.27 5.28
C SER B 173 -2.17 4.22 4.15
N ALA B 174 -2.44 3.47 3.05
CA ALA B 174 -1.56 3.42 1.89
C ALA B 174 -1.66 4.75 1.13
N VAL B 175 -2.90 5.28 0.95
CA VAL B 175 -3.19 6.56 0.30
C VAL B 175 -2.62 7.72 1.12
N CYS B 176 -2.77 7.65 2.47
CA CYS B 176 -2.25 8.66 3.38
C CYS B 176 -0.72 8.69 3.45
N ALA B 177 -0.08 7.51 3.62
CA ALA B 177 1.37 7.43 3.72
C ALA B 177 2.12 7.74 2.43
N VAL B 178 1.57 7.37 1.26
CA VAL B 178 2.21 7.68 -0.02
C VAL B 178 1.93 9.17 -0.37
N GLY B 179 0.74 9.64 0.01
CA GLY B 179 0.33 11.02 -0.19
C GLY B 179 1.20 12.00 0.57
N LEU B 180 1.28 11.85 1.92
CA LEU B 180 2.08 12.74 2.78
C LEU B 180 3.56 12.76 2.38
N LEU B 181 4.15 11.57 2.25
CA LEU B 181 5.56 11.43 1.93
C LEU B 181 5.91 11.86 0.48
N GLY B 182 5.03 11.57 -0.49
CA GLY B 182 5.26 11.95 -1.89
C GLY B 182 5.24 13.45 -2.10
N ASN B 183 4.25 14.14 -1.49
CA ASN B 183 4.07 15.58 -1.54
C ASN B 183 5.12 16.33 -0.75
N VAL B 184 5.47 15.87 0.49
CA VAL B 184 6.52 16.51 1.29
C VAL B 184 7.85 16.45 0.51
N LEU B 185 8.16 15.27 -0.07
CA LEU B 185 9.35 15.02 -0.88
C LEU B 185 9.40 15.94 -2.09
N VAL B 186 8.29 16.09 -2.84
CA VAL B 186 8.25 16.97 -4.00
C VAL B 186 8.63 18.38 -3.55
N MET B 187 7.93 18.92 -2.51
CA MET B 187 8.18 20.24 -1.92
C MET B 187 9.65 20.42 -1.52
N PHE B 188 10.27 19.38 -0.91
CA PHE B 188 11.68 19.35 -0.50
C PHE B 188 12.60 19.51 -1.72
N VAL B 189 12.36 18.72 -2.79
CA VAL B 189 13.10 18.76 -4.05
C VAL B 189 13.08 20.18 -4.63
N ILE B 190 11.89 20.82 -4.65
CA ILE B 190 11.71 22.18 -5.16
C ILE B 190 12.42 23.21 -4.25
N VAL B 191 12.19 23.17 -2.91
CA VAL B 191 12.82 24.10 -1.96
C VAL B 191 14.37 23.97 -1.94
N ARG B 192 14.90 22.74 -1.76
CA ARG B 192 16.34 22.48 -1.66
C ARG B 192 17.10 22.48 -3.00
N TYR B 193 16.65 21.70 -4.00
CA TYR B 193 17.39 21.57 -5.26
C TYR B 193 16.93 22.49 -6.41
N THR B 194 15.67 22.40 -6.89
CA THR B 194 15.15 23.18 -8.04
C THR B 194 15.23 24.72 -7.84
N LYS B 195 14.84 25.21 -6.64
CA LYS B 195 14.88 26.60 -6.19
C LYS B 195 13.85 27.54 -6.90
N MET B 196 12.64 27.00 -7.23
CA MET B 196 11.45 27.67 -7.81
C MET B 196 11.71 28.83 -8.84
N LYS B 197 12.66 28.64 -9.78
CA LYS B 197 12.97 29.66 -10.79
C LYS B 197 11.97 29.66 -11.96
N THR B 198 11.47 28.48 -12.35
CA THR B 198 10.50 28.33 -13.45
C THR B 198 9.08 28.42 -12.90
N ALA B 199 8.13 28.87 -13.75
CA ALA B 199 6.70 28.99 -13.45
C ALA B 199 6.10 27.61 -13.14
N THR B 200 6.51 26.56 -13.91
CA THR B 200 6.09 25.16 -13.77
C THR B 200 6.30 24.59 -12.38
N ASN B 201 7.44 24.94 -11.72
CA ASN B 201 7.81 24.47 -10.38
C ASN B 201 7.02 25.15 -9.27
N ILE B 202 6.43 26.34 -9.55
CA ILE B 202 5.57 27.06 -8.59
C ILE B 202 4.20 26.35 -8.55
N TYR B 203 3.68 25.99 -9.74
CA TYR B 203 2.44 25.23 -9.94
C TYR B 203 2.57 23.81 -9.37
N ILE B 204 3.80 23.26 -9.30
CA ILE B 204 3.99 21.93 -8.71
C ILE B 204 4.06 22.06 -7.18
N PHE B 205 4.75 23.11 -6.63
CA PHE B 205 4.86 23.31 -5.18
C PHE B 205 3.48 23.49 -4.53
N SER B 206 2.62 24.31 -5.18
CA SER B 206 1.26 24.59 -4.73
C SER B 206 0.42 23.32 -4.77
N LEU B 207 0.54 22.52 -5.85
CA LEU B 207 -0.18 21.25 -6.02
C LEU B 207 0.26 20.22 -4.96
N ALA B 208 1.56 20.25 -4.57
CA ALA B 208 2.13 19.36 -3.55
C ALA B 208 1.70 19.78 -2.14
N LEU B 209 1.61 21.09 -1.88
CA LEU B 209 1.18 21.64 -0.59
C LEU B 209 -0.27 21.28 -0.34
N ALA B 210 -1.12 21.42 -1.39
CA ALA B 210 -2.55 21.09 -1.40
C ALA B 210 -2.77 19.58 -1.14
N GLY B 211 -1.92 18.76 -1.73
CA GLY B 211 -1.95 17.30 -1.57
C GLY B 211 -1.56 16.82 -0.18
N ALA B 212 -0.57 17.48 0.45
CA ALA B 212 -0.12 17.16 1.82
C ALA B 212 -1.22 17.56 2.83
N LEU B 213 -1.93 18.69 2.56
CA LEU B 213 -3.03 19.11 3.44
C LEU B 213 -4.23 18.16 3.28
N ALA B 214 -4.54 17.78 2.02
CA ALA B 214 -5.61 16.85 1.65
C ALA B 214 -5.47 15.49 2.34
N THR B 215 -4.26 14.87 2.28
CA THR B 215 -4.00 13.56 2.88
C THR B 215 -3.90 13.58 4.39
N SER B 216 -3.69 14.76 5.01
CA SER B 216 -3.54 14.85 6.46
C SER B 216 -4.86 14.62 7.26
N THR B 217 -6.04 14.71 6.60
CA THR B 217 -7.34 14.49 7.27
C THR B 217 -7.68 13.00 7.36
N LEU B 218 -7.04 12.16 6.49
CA LEU B 218 -7.29 10.72 6.40
C LEU B 218 -7.17 9.96 7.74
N PRO B 219 -6.14 10.16 8.62
CA PRO B 219 -6.14 9.41 9.90
C PRO B 219 -7.46 9.53 10.68
N PHE B 220 -8.05 10.74 10.67
CA PHE B 220 -9.30 11.09 11.34
C PHE B 220 -10.54 10.43 10.70
N GLN B 221 -10.62 10.49 9.35
CA GLN B 221 -11.70 9.92 8.53
C GLN B 221 -11.78 8.41 8.63
N SER B 222 -10.59 7.73 8.72
CA SER B 222 -10.46 6.26 8.85
C SER B 222 -10.69 5.75 10.30
N ALA B 223 -10.39 6.58 11.31
CA ALA B 223 -10.61 6.30 12.72
C ALA B 223 -12.11 6.35 12.98
N ASP B 224 -12.81 7.37 12.42
CA ASP B 224 -14.26 7.59 12.51
C ASP B 224 -15.00 6.37 11.96
N TYR B 225 -14.57 5.85 10.78
CA TYR B 225 -15.15 4.67 10.13
C TYR B 225 -15.06 3.46 11.08
N LEU B 226 -13.85 3.22 11.61
CA LEU B 226 -13.55 2.14 12.53
C LEU B 226 -14.38 2.20 13.83
N MET B 227 -14.45 3.37 14.46
CA MET B 227 -15.15 3.58 15.73
C MET B 227 -16.66 3.82 15.64
N GLU B 228 -17.17 4.20 14.45
CA GLU B 228 -18.59 4.52 14.18
C GLU B 228 -19.09 5.73 14.99
N THR B 229 -18.15 6.62 15.39
CA THR B 229 -18.39 7.84 16.19
C THR B 229 -17.22 8.84 15.95
N TRP B 230 -17.47 10.17 16.09
CA TRP B 230 -16.43 11.19 16.00
C TRP B 230 -15.85 11.42 17.43
N PRO B 231 -14.62 10.91 17.70
CA PRO B 231 -14.05 11.04 19.05
C PRO B 231 -13.02 12.18 19.22
N PHE B 232 -12.95 13.15 18.28
CA PHE B 232 -11.96 14.22 18.34
C PHE B 232 -12.55 15.61 18.64
N GLY B 233 -13.86 15.68 18.94
CA GLY B 233 -14.52 16.94 19.26
C GLY B 233 -14.76 17.90 18.10
N GLU B 234 -15.56 18.96 18.36
CA GLU B 234 -15.97 19.98 17.38
C GLU B 234 -14.84 20.77 16.73
N LEU B 235 -13.87 21.29 17.50
CA LEU B 235 -12.74 22.08 17.00
C LEU B 235 -11.94 21.31 15.93
N LEU B 236 -11.69 20.00 16.17
CA LEU B 236 -10.98 19.12 15.23
C LEU B 236 -11.87 18.68 14.08
N CYS B 237 -13.21 18.70 14.28
CA CYS B 237 -14.21 18.41 13.25
C CYS B 237 -14.23 19.57 12.27
N LYS B 238 -14.13 20.81 12.80
CA LYS B 238 -14.08 22.04 12.02
C LYS B 238 -12.79 22.06 11.21
N ALA B 239 -11.65 21.66 11.84
CA ALA B 239 -10.35 21.60 11.19
C ALA B 239 -10.34 20.60 10.05
N VAL B 240 -10.89 19.38 10.26
CA VAL B 240 -10.96 18.29 9.27
C VAL B 240 -11.86 18.67 8.06
N LEU B 241 -13.11 19.08 8.33
CA LEU B 241 -14.05 19.47 7.28
C LEU B 241 -13.58 20.69 6.50
N SER B 242 -13.02 21.72 7.18
CA SER B 242 -12.53 22.93 6.50
C SER B 242 -11.30 22.64 5.62
N ILE B 243 -10.31 21.88 6.16
CA ILE B 243 -9.14 21.50 5.39
C ILE B 243 -9.52 20.60 4.20
N ASP B 244 -10.47 19.67 4.39
CA ASP B 244 -10.94 18.77 3.32
C ASP B 244 -11.57 19.55 2.15
N TYR B 245 -12.48 20.52 2.44
CA TYR B 245 -13.11 21.36 1.41
C TYR B 245 -12.14 22.34 0.77
N TYR B 246 -11.37 23.06 1.59
CA TYR B 246 -10.38 24.04 1.15
C TYR B 246 -9.34 23.43 0.22
N SER B 247 -8.67 22.33 0.64
CA SER B 247 -7.64 21.62 -0.14
C SER B 247 -8.18 20.99 -1.42
N MET B 248 -9.48 20.63 -1.46
CA MET B 248 -10.10 20.05 -2.66
C MET B 248 -10.05 21.08 -3.79
N PHE B 249 -10.46 22.33 -3.49
CA PHE B 249 -10.47 23.43 -4.47
C PHE B 249 -9.08 23.94 -4.83
N THR B 250 -8.15 24.08 -3.86
CA THR B 250 -6.80 24.56 -4.13
C THR B 250 -6.03 23.58 -5.03
N SER B 251 -6.26 22.28 -4.83
CA SER B 251 -5.66 21.19 -5.62
C SER B 251 -6.19 21.25 -7.05
N ILE B 252 -7.53 21.13 -7.20
CA ILE B 252 -8.23 21.10 -8.49
C ILE B 252 -7.96 22.38 -9.33
N PHE B 253 -7.99 23.56 -8.70
CA PHE B 253 -7.73 24.79 -9.45
C PHE B 253 -6.25 24.98 -9.79
N THR B 254 -5.29 24.54 -8.93
CA THR B 254 -3.86 24.61 -9.26
C THR B 254 -3.59 23.72 -10.47
N LEU B 255 -4.23 22.54 -10.51
CA LEU B 255 -4.13 21.59 -11.62
C LEU B 255 -4.74 22.18 -12.90
N THR B 256 -5.93 22.82 -12.80
CA THR B 256 -6.60 23.45 -13.96
C THR B 256 -5.70 24.55 -14.55
N MET B 257 -5.15 25.41 -13.67
CA MET B 257 -4.27 26.53 -14.02
C MET B 257 -2.94 26.10 -14.60
N MET B 258 -2.42 24.93 -14.16
CA MET B 258 -1.19 24.35 -14.69
C MET B 258 -1.38 24.04 -16.16
N CYS B 259 -2.52 23.39 -16.49
CA CYS B 259 -2.92 23.03 -17.85
C CYS B 259 -3.12 24.28 -18.69
N VAL B 260 -3.68 25.35 -18.10
CA VAL B 260 -3.88 26.65 -18.75
C VAL B 260 -2.49 27.25 -19.06
N ASP B 261 -1.57 27.24 -18.06
CA ASP B 261 -0.21 27.74 -18.16
C ASP B 261 0.55 27.02 -19.28
N ARG B 262 0.46 25.68 -19.33
CA ARG B 262 1.09 24.87 -20.37
C ARG B 262 0.43 25.05 -21.74
N TYR B 263 -0.91 25.27 -21.77
CA TYR B 263 -1.65 25.55 -23.00
C TYR B 263 -1.10 26.83 -23.65
N ILE B 264 -0.79 27.83 -22.80
CA ILE B 264 -0.25 29.13 -23.19
C ILE B 264 1.13 28.97 -23.84
N ALA B 265 1.98 28.07 -23.31
CA ALA B 265 3.33 27.77 -23.83
C ALA B 265 3.28 27.16 -25.24
N VAL B 266 2.42 26.14 -25.41
CA VAL B 266 2.25 25.40 -26.67
C VAL B 266 1.62 26.28 -27.77
N CYS B 267 0.52 26.99 -27.47
CA CYS B 267 -0.24 27.77 -28.46
C CYS B 267 0.15 29.24 -28.62
N HIS B 268 0.46 29.97 -27.53
CA HIS B 268 0.86 31.38 -27.66
C HIS B 268 2.29 31.56 -27.11
N PRO B 269 3.37 31.15 -27.84
CA PRO B 269 4.72 31.28 -27.27
C PRO B 269 5.24 32.71 -27.15
N VAL B 270 4.83 33.63 -28.04
CA VAL B 270 5.24 35.04 -28.00
C VAL B 270 4.62 35.69 -26.75
N LYS B 271 3.35 35.35 -26.46
CA LYS B 271 2.59 35.82 -25.29
C LYS B 271 3.01 35.09 -24.01
N ALA B 272 3.50 33.82 -24.12
CA ALA B 272 3.97 32.98 -22.99
C ALA B 272 5.20 33.56 -22.31
N LEU B 273 6.09 34.22 -23.10
CA LEU B 273 7.31 34.89 -22.65
C LEU B 273 7.00 35.97 -21.59
N ASP B 274 5.87 36.67 -21.74
CA ASP B 274 5.41 37.74 -20.85
C ASP B 274 4.48 37.25 -19.70
N PHE B 275 3.83 36.07 -19.86
CA PHE B 275 2.91 35.53 -18.86
C PHE B 275 3.54 34.48 -17.94
N ARG B 276 4.22 33.49 -18.52
CA ARG B 276 4.81 32.38 -17.78
C ARG B 276 6.10 32.73 -17.01
N THR B 277 6.12 33.90 -16.36
CA THR B 277 7.25 34.38 -15.55
C THR B 277 7.00 33.97 -14.07
N PRO B 278 8.05 33.59 -13.27
CA PRO B 278 7.81 33.12 -11.89
C PRO B 278 7.01 34.04 -10.97
N ALA B 279 7.07 35.38 -11.18
CA ALA B 279 6.32 36.35 -10.38
C ALA B 279 4.83 36.23 -10.66
N LYS B 280 4.45 35.96 -11.93
CA LYS B 280 3.06 35.80 -12.35
C LYS B 280 2.48 34.44 -11.93
N ALA B 281 3.32 33.38 -11.86
CA ALA B 281 2.91 32.05 -11.38
C ALA B 281 2.64 32.14 -9.87
N LYS B 282 3.49 32.89 -9.15
CA LYS B 282 3.40 33.18 -7.71
C LYS B 282 2.04 33.86 -7.42
N LEU B 283 1.70 34.91 -8.19
CA LEU B 283 0.47 35.68 -8.05
C LEU B 283 -0.79 34.83 -8.28
N ILE B 284 -0.85 34.08 -9.40
CA ILE B 284 -1.96 33.18 -9.77
C ILE B 284 -2.22 32.16 -8.64
N ASN B 285 -1.15 31.44 -8.23
CA ASN B 285 -1.21 30.44 -7.16
C ASN B 285 -1.67 31.04 -5.83
N ILE B 286 -1.13 32.22 -5.43
CA ILE B 286 -1.54 32.91 -4.20
C ILE B 286 -3.02 33.25 -4.31
N CYS B 287 -3.48 33.76 -5.48
CA CYS B 287 -4.89 34.09 -5.72
C CYS B 287 -5.82 32.90 -5.50
N ILE B 288 -5.37 31.68 -5.90
CA ILE B 288 -6.09 30.41 -5.73
C ILE B 288 -6.27 30.13 -4.24
N TRP B 289 -5.16 30.15 -3.47
CA TRP B 289 -5.16 29.90 -2.05
C TRP B 289 -6.02 30.92 -1.27
N VAL B 290 -5.97 32.21 -1.63
CA VAL B 290 -6.80 33.23 -0.98
C VAL B 290 -8.30 33.11 -1.42
N LEU B 291 -8.56 32.82 -2.71
CA LEU B 291 -9.91 32.68 -3.26
C LEU B 291 -10.64 31.54 -2.59
N ALA B 292 -9.98 30.35 -2.49
CA ALA B 292 -10.55 29.15 -1.86
C ALA B 292 -10.99 29.34 -0.40
N SER B 293 -10.53 30.42 0.28
CA SER B 293 -10.95 30.74 1.65
C SER B 293 -12.46 31.10 1.74
N GLY B 294 -13.07 31.37 0.58
CA GLY B 294 -14.50 31.62 0.43
C GLY B 294 -15.31 30.33 0.54
N VAL B 295 -14.61 29.18 0.59
CA VAL B 295 -15.15 27.82 0.75
C VAL B 295 -14.74 27.37 2.16
N GLY B 296 -13.43 27.43 2.44
CA GLY B 296 -12.81 27.03 3.69
C GLY B 296 -13.42 27.65 4.93
N VAL B 297 -13.67 28.98 4.91
CA VAL B 297 -14.24 29.73 6.04
C VAL B 297 -15.73 29.35 6.25
N PRO B 298 -16.69 29.44 5.28
CA PRO B 298 -18.07 29.00 5.58
C PRO B 298 -18.18 27.54 6.05
N ILE B 299 -17.36 26.61 5.47
CA ILE B 299 -17.31 25.19 5.88
C ILE B 299 -16.82 25.04 7.36
N MET B 300 -15.85 25.89 7.77
CA MET B 300 -15.29 25.94 9.12
C MET B 300 -16.33 26.45 10.10
N VAL B 301 -17.21 27.35 9.64
CA VAL B 301 -18.27 27.93 10.44
C VAL B 301 -19.39 26.90 10.66
N MET B 302 -19.81 26.19 9.60
CA MET B 302 -20.89 25.20 9.63
C MET B 302 -20.53 23.85 10.24
N ALA B 303 -19.24 23.45 10.19
CA ALA B 303 -18.76 22.17 10.74
C ALA B 303 -19.08 22.04 12.24
N VAL B 304 -19.86 21.01 12.60
CA VAL B 304 -20.33 20.74 13.98
C VAL B 304 -20.27 19.25 14.33
N THR B 305 -20.27 18.95 15.64
CA THR B 305 -20.36 17.60 16.17
C THR B 305 -21.72 17.46 16.86
N ARG B 306 -22.59 16.59 16.29
CA ARG B 306 -23.96 16.37 16.77
C ARG B 306 -24.26 14.89 17.06
N PRO B 307 -25.03 14.58 18.15
CA PRO B 307 -25.31 13.17 18.46
C PRO B 307 -26.49 12.56 17.71
N ARG B 308 -26.24 11.42 17.02
CA ARG B 308 -27.22 10.66 16.24
C ARG B 308 -27.10 9.16 16.57
N ASP B 309 -28.14 8.60 17.25
CA ASP B 309 -28.27 7.20 17.71
C ASP B 309 -27.22 6.81 18.76
N GLY B 310 -27.08 7.64 19.81
CA GLY B 310 -26.13 7.42 20.89
C GLY B 310 -24.67 7.73 20.54
N ALA B 311 -24.34 7.75 19.23
CA ALA B 311 -23.01 8.08 18.70
C ALA B 311 -22.96 9.55 18.32
N VAL B 312 -21.74 10.08 18.11
CA VAL B 312 -21.46 11.46 17.71
C VAL B 312 -21.10 11.48 16.20
N VAL B 313 -21.56 12.53 15.48
CA VAL B 313 -21.23 12.68 14.05
C VAL B 313 -20.63 14.07 13.77
N CYS B 314 -19.59 14.10 12.90
CA CYS B 314 -18.94 15.32 12.41
C CYS B 314 -19.67 15.67 11.10
N MET B 315 -20.27 16.87 11.03
CA MET B 315 -21.11 17.26 9.90
C MET B 315 -21.25 18.76 9.72
N LEU B 316 -21.68 19.18 8.52
CA LEU B 316 -21.97 20.59 8.26
C LEU B 316 -23.40 20.84 8.68
N GLN B 317 -23.61 21.92 9.42
CA GLN B 317 -24.93 22.39 9.84
C GLN B 317 -25.30 23.58 8.95
N PHE B 318 -26.07 23.32 7.90
CA PHE B 318 -26.53 24.36 6.98
C PHE B 318 -27.68 25.19 7.59
N PRO B 319 -27.83 26.51 7.23
CA PRO B 319 -28.98 27.29 7.76
C PRO B 319 -30.32 26.75 7.28
N SER B 320 -31.45 27.15 7.92
CA SER B 320 -32.78 26.67 7.50
C SER B 320 -33.21 27.30 6.15
N PRO B 321 -33.67 26.50 5.14
CA PRO B 321 -33.82 25.03 5.15
C PRO B 321 -32.49 24.35 4.82
N SER B 322 -32.05 23.46 5.73
CA SER B 322 -30.79 22.75 5.57
C SER B 322 -30.74 21.90 4.31
N TRP B 323 -31.86 21.18 3.97
CA TRP B 323 -31.97 20.33 2.78
C TRP B 323 -31.68 21.10 1.50
N TYR B 324 -32.08 22.40 1.48
CA TYR B 324 -31.91 23.34 0.37
C TYR B 324 -30.43 23.65 0.19
N TRP B 325 -29.81 24.25 1.24
CA TRP B 325 -28.40 24.66 1.24
C TRP B 325 -27.48 23.49 1.08
N ASP B 326 -27.91 22.28 1.49
CA ASP B 326 -27.15 21.04 1.32
C ASP B 326 -27.13 20.68 -0.17
N THR B 327 -28.29 20.78 -0.84
CA THR B 327 -28.41 20.49 -2.28
C THR B 327 -27.59 21.55 -3.12
N VAL B 328 -27.65 22.85 -2.75
CA VAL B 328 -26.91 23.95 -3.39
C VAL B 328 -25.40 23.69 -3.32
N THR B 329 -24.90 23.30 -2.12
CA THR B 329 -23.49 22.99 -1.88
C THR B 329 -23.02 21.81 -2.73
N LYS B 330 -23.80 20.71 -2.78
CA LYS B 330 -23.51 19.54 -3.59
C LYS B 330 -23.49 19.88 -5.09
N ILE B 331 -24.43 20.74 -5.56
CA ILE B 331 -24.49 21.15 -6.97
C ILE B 331 -23.32 22.08 -7.33
N CYS B 332 -22.94 22.99 -6.40
CA CYS B 332 -21.81 23.92 -6.60
C CYS B 332 -20.47 23.21 -6.58
N VAL B 333 -20.27 22.19 -5.71
CA VAL B 333 -19.02 21.40 -5.67
C VAL B 333 -18.90 20.57 -6.98
N PHE B 334 -19.97 19.89 -7.41
CA PHE B 334 -19.98 19.13 -8.65
C PHE B 334 -19.74 20.00 -9.90
N LEU B 335 -20.29 21.24 -9.91
CA LEU B 335 -20.14 22.13 -11.06
C LEU B 335 -18.77 22.77 -11.12
N PHE B 336 -18.38 23.50 -10.06
CA PHE B 336 -17.12 24.25 -10.05
C PHE B 336 -15.86 23.42 -9.82
N ALA B 337 -15.94 22.35 -9.03
CA ALA B 337 -14.77 21.51 -8.76
C ALA B 337 -14.69 20.24 -9.63
N PHE B 338 -15.68 20.00 -10.52
CA PHE B 338 -15.61 18.81 -11.38
C PHE B 338 -15.85 19.11 -12.86
N VAL B 339 -17.06 19.53 -13.24
CA VAL B 339 -17.37 19.78 -14.67
C VAL B 339 -16.51 20.94 -15.24
N VAL B 340 -16.47 22.13 -14.58
CA VAL B 340 -15.70 23.31 -15.00
C VAL B 340 -14.19 22.96 -15.20
N PRO B 341 -13.46 22.31 -14.23
CA PRO B 341 -12.06 21.92 -14.49
C PRO B 341 -11.90 20.98 -15.70
N ILE B 342 -12.78 19.96 -15.87
CA ILE B 342 -12.75 19.05 -17.02
C ILE B 342 -12.88 19.85 -18.31
N LEU B 343 -13.94 20.69 -18.41
CA LEU B 343 -14.23 21.53 -19.59
C LEU B 343 -13.02 22.38 -19.98
N ILE B 344 -12.44 23.11 -19.00
CA ILE B 344 -11.26 23.94 -19.24
C ILE B 344 -10.07 23.09 -19.71
N ILE B 345 -9.73 21.99 -19.00
CA ILE B 345 -8.59 21.13 -19.36
C ILE B 345 -8.81 20.45 -20.74
N THR B 346 -10.07 20.09 -21.08
CA THR B 346 -10.46 19.47 -22.35
C THR B 346 -10.37 20.47 -23.48
N VAL B 347 -10.81 21.74 -23.26
CA VAL B 347 -10.72 22.81 -24.27
C VAL B 347 -9.22 23.09 -24.48
N CYS B 348 -8.44 23.08 -23.37
CA CYS B 348 -6.99 23.27 -23.39
C CYS B 348 -6.34 22.18 -24.24
N TYR B 349 -6.71 20.90 -24.01
CA TYR B 349 -6.18 19.75 -24.75
C TYR B 349 -6.40 19.88 -26.28
N GLY B 350 -7.66 20.03 -26.68
CA GLY B 350 -8.07 20.18 -28.08
C GLY B 350 -7.44 21.32 -28.85
N LEU B 351 -7.12 22.45 -28.18
CA LEU B 351 -6.49 23.62 -28.83
C LEU B 351 -5.00 23.41 -29.02
N MET B 352 -4.36 22.77 -28.01
CA MET B 352 -2.96 22.36 -28.02
C MET B 352 -2.75 21.33 -29.15
N LEU B 353 -3.81 20.54 -29.42
CA LEU B 353 -3.91 19.52 -30.45
C LEU B 353 -3.95 20.14 -31.84
N LEU B 354 -4.79 21.19 -32.04
CA LEU B 354 -4.93 21.89 -33.32
C LEU B 354 -3.64 22.59 -33.70
N ARG B 355 -2.96 23.20 -32.70
CA ARG B 355 -1.68 23.88 -32.82
C ARG B 355 -0.64 22.90 -33.38
N LEU B 356 -0.63 21.66 -32.85
CA LEU B 356 0.27 20.58 -33.29
C LEU B 356 -0.05 20.12 -34.72
N ARG B 357 -1.35 20.04 -35.07
CA ARG B 357 -1.83 19.65 -36.40
C ARG B 357 -1.49 20.72 -37.44
N SER B 358 -1.52 22.01 -37.03
CA SER B 358 -1.18 23.17 -37.89
C SER B 358 0.30 23.22 -38.29
N VAL B 359 1.19 22.49 -37.56
CA VAL B 359 2.64 22.41 -37.81
C VAL B 359 2.91 21.83 -39.21
N ARG B 360 3.53 22.64 -40.10
CA ARG B 360 3.88 22.36 -41.50
C ARG B 360 2.66 22.03 -42.36
N LYS B 366 12.86 19.21 -35.11
CA LYS B 366 12.55 17.79 -35.10
C LYS B 366 12.27 17.29 -33.68
N GLU B 367 13.20 17.59 -32.73
CA GLU B 367 13.11 17.20 -31.33
C GLU B 367 12.32 18.25 -30.53
N LYS B 368 12.52 19.55 -30.84
CA LYS B 368 11.81 20.68 -30.23
C LYS B 368 10.34 20.71 -30.66
N ASP B 369 10.06 20.14 -31.85
CA ASP B 369 8.74 20.00 -32.47
C ASP B 369 7.92 18.94 -31.75
N ARG B 370 8.55 17.82 -31.34
CA ARG B 370 7.90 16.72 -30.62
C ARG B 370 7.97 16.88 -29.09
N SER B 371 8.75 17.88 -28.59
CA SER B 371 8.87 18.23 -27.17
C SER B 371 7.55 18.82 -26.65
N LEU B 372 6.82 19.52 -27.55
CA LEU B 372 5.52 20.11 -27.28
C LEU B 372 4.45 19.02 -27.35
N ARG B 373 4.70 17.95 -28.17
CA ARG B 373 3.80 16.80 -28.33
C ARG B 373 3.73 15.93 -27.08
N ARG B 374 4.73 16.04 -26.19
CA ARG B 374 4.80 15.31 -24.93
C ARG B 374 3.94 16.05 -23.90
N ILE B 375 4.01 17.39 -23.90
CA ILE B 375 3.26 18.29 -23.02
C ILE B 375 1.74 18.15 -23.24
N THR B 376 1.30 18.05 -24.51
CA THR B 376 -0.12 17.89 -24.89
C THR B 376 -0.63 16.52 -24.46
N ARG B 377 0.26 15.49 -24.56
CA ARG B 377 -0.02 14.10 -24.16
C ARG B 377 -0.21 14.02 -22.65
N MET B 378 0.60 14.81 -21.90
CA MET B 378 0.53 14.89 -20.44
C MET B 378 -0.81 15.46 -19.99
N VAL B 379 -1.33 16.49 -20.71
CA VAL B 379 -2.63 17.14 -20.45
C VAL B 379 -3.77 16.11 -20.56
N LEU B 380 -3.70 15.21 -21.55
CA LEU B 380 -4.67 14.14 -21.76
C LEU B 380 -4.66 13.15 -20.60
N VAL B 381 -3.44 12.78 -20.11
CA VAL B 381 -3.29 11.86 -18.96
C VAL B 381 -3.98 12.47 -17.71
N VAL B 382 -3.79 13.81 -17.51
CA VAL B 382 -4.34 14.61 -16.40
C VAL B 382 -5.86 14.54 -16.38
N VAL B 383 -6.49 14.77 -17.56
CA VAL B 383 -7.94 14.82 -17.71
C VAL B 383 -8.57 13.44 -17.56
N VAL B 384 -7.93 12.39 -18.13
CA VAL B 384 -8.41 11.01 -17.99
C VAL B 384 -8.39 10.57 -16.51
N ALA B 385 -7.24 10.80 -15.82
CA ALA B 385 -7.08 10.47 -14.40
C ALA B 385 -8.06 11.29 -13.54
N PHE B 386 -8.34 12.56 -13.92
CA PHE B 386 -9.28 13.41 -13.20
C PHE B 386 -10.70 12.82 -13.26
N VAL B 387 -11.19 12.49 -14.47
CA VAL B 387 -12.49 11.88 -14.70
C VAL B 387 -12.58 10.51 -14.00
N VAL B 388 -11.53 9.65 -14.15
CA VAL B 388 -11.49 8.31 -13.55
C VAL B 388 -11.60 8.35 -12.01
N CYS B 389 -10.73 9.15 -11.36
CA CYS B 389 -10.61 9.26 -9.90
C CYS B 389 -11.72 10.03 -9.22
N TRP B 390 -12.36 11.00 -9.91
CA TRP B 390 -13.38 11.86 -9.31
C TRP B 390 -14.84 11.52 -9.64
N ALA B 391 -15.12 10.96 -10.84
CA ALA B 391 -16.47 10.57 -11.25
C ALA B 391 -17.19 9.58 -10.29
N PRO B 392 -16.55 8.49 -9.77
CA PRO B 392 -17.29 7.55 -8.92
C PRO B 392 -17.90 8.14 -7.65
N ILE B 393 -17.14 8.98 -6.90
CA ILE B 393 -17.64 9.60 -5.67
C ILE B 393 -18.73 10.62 -6.01
N HIS B 394 -18.65 11.32 -7.16
CA HIS B 394 -19.68 12.29 -7.57
C HIS B 394 -20.98 11.61 -7.97
N ILE B 395 -20.89 10.48 -8.69
CA ILE B 395 -22.06 9.66 -9.08
C ILE B 395 -22.65 9.03 -7.77
N PHE B 396 -21.78 8.66 -6.78
CA PHE B 396 -22.22 8.14 -5.48
C PHE B 396 -22.94 9.21 -4.64
N VAL B 397 -22.38 10.45 -4.52
CA VAL B 397 -22.99 11.57 -3.76
C VAL B 397 -24.43 11.83 -4.28
N ILE B 398 -24.60 11.87 -5.61
CA ILE B 398 -25.87 12.06 -6.33
C ILE B 398 -26.83 10.89 -6.04
N VAL B 399 -26.37 9.63 -6.20
CA VAL B 399 -27.17 8.43 -5.92
C VAL B 399 -27.65 8.41 -4.44
N TRP B 400 -26.75 8.75 -3.50
CA TRP B 400 -27.01 8.81 -2.06
C TRP B 400 -28.07 9.83 -1.69
N THR B 401 -28.04 11.04 -2.32
CA THR B 401 -29.02 12.07 -2.00
C THR B 401 -30.41 11.74 -2.57
N LEU B 402 -30.44 11.02 -3.72
CA LEU B 402 -31.66 10.67 -4.45
C LEU B 402 -32.34 9.36 -4.01
N VAL B 403 -31.56 8.31 -3.80
CA VAL B 403 -32.02 6.95 -3.47
C VAL B 403 -31.68 6.61 -2.01
N ASP B 404 -32.62 5.89 -1.32
CA ASP B 404 -32.40 5.42 0.04
C ASP B 404 -31.40 4.28 -0.03
N ILE B 405 -30.18 4.56 0.46
CA ILE B 405 -29.03 3.65 0.45
C ILE B 405 -28.89 2.96 1.81
N ASP B 406 -28.76 1.62 1.82
CA ASP B 406 -28.56 0.87 3.05
C ASP B 406 -27.12 1.10 3.49
N ARG B 407 -26.95 2.03 4.46
CA ARG B 407 -25.66 2.43 5.04
C ARG B 407 -24.93 1.23 5.65
N ARG B 408 -25.69 0.24 6.21
CA ARG B 408 -25.17 -0.98 6.83
C ARG B 408 -24.60 -1.99 5.83
N ASP B 409 -25.27 -2.21 4.67
CA ASP B 409 -24.89 -3.14 3.60
C ASP B 409 -23.37 -3.18 3.39
N PRO B 410 -22.73 -4.38 3.47
CA PRO B 410 -21.26 -4.44 3.34
C PRO B 410 -20.67 -3.90 2.02
N LEU B 411 -21.14 -4.38 0.85
CA LEU B 411 -20.64 -3.94 -0.44
C LEU B 411 -20.85 -2.44 -0.74
N VAL B 412 -21.89 -1.80 -0.12
CA VAL B 412 -22.18 -0.36 -0.25
C VAL B 412 -21.07 0.44 0.45
N VAL B 413 -20.74 0.05 1.70
CA VAL B 413 -19.68 0.59 2.55
C VAL B 413 -18.30 0.45 1.87
N ALA B 414 -18.03 -0.73 1.28
CA ALA B 414 -16.78 -1.01 0.57
C ALA B 414 -16.63 -0.04 -0.61
N ALA B 415 -17.68 0.08 -1.43
CA ALA B 415 -17.70 0.97 -2.60
C ALA B 415 -17.60 2.46 -2.22
N LEU B 416 -18.17 2.87 -1.05
CA LEU B 416 -18.12 4.27 -0.63
C LEU B 416 -16.70 4.77 -0.34
N HIS B 417 -15.95 4.03 0.52
CA HIS B 417 -14.60 4.40 0.94
C HIS B 417 -13.57 4.20 -0.16
N LEU B 418 -13.89 3.36 -1.18
CA LEU B 418 -13.01 3.16 -2.33
C LEU B 418 -13.09 4.43 -3.16
N CYS B 419 -14.32 4.87 -3.41
CA CYS B 419 -14.66 6.09 -4.13
C CYS B 419 -14.01 7.31 -3.46
N ILE B 420 -14.09 7.40 -2.09
CA ILE B 420 -13.48 8.50 -1.32
C ILE B 420 -11.95 8.53 -1.52
N ALA B 421 -11.27 7.38 -1.32
CA ALA B 421 -9.82 7.23 -1.46
C ALA B 421 -9.40 7.51 -2.90
N LEU B 422 -10.16 7.00 -3.89
CA LEU B 422 -9.93 7.20 -5.33
C LEU B 422 -9.91 8.70 -5.71
N GLY B 423 -10.67 9.53 -4.97
CA GLY B 423 -10.67 10.98 -5.10
C GLY B 423 -9.37 11.56 -4.59
N TYR B 424 -8.89 11.02 -3.45
CA TYR B 424 -7.62 11.41 -2.81
C TYR B 424 -6.39 11.01 -3.61
N ILE B 425 -6.51 9.98 -4.47
CA ILE B 425 -5.43 9.51 -5.32
C ILE B 425 -5.09 10.60 -6.34
N ASN B 426 -6.10 11.28 -6.87
CA ASN B 426 -5.89 12.38 -7.82
C ASN B 426 -5.35 13.59 -7.10
N SER B 427 -5.94 13.91 -5.93
CA SER B 427 -5.61 15.07 -5.11
C SER B 427 -4.17 15.13 -4.65
N SER B 428 -3.60 13.98 -4.31
CA SER B 428 -2.27 13.92 -3.73
C SER B 428 -1.24 13.12 -4.52
N LEU B 429 -1.67 12.10 -5.29
CA LEU B 429 -0.74 11.30 -6.09
C LEU B 429 -1.03 11.51 -7.59
N ASN B 430 -1.06 12.79 -7.97
CA ASN B 430 -1.40 13.29 -9.29
C ASN B 430 -0.38 12.95 -10.39
N PRO B 431 -0.85 12.64 -11.66
CA PRO B 431 0.11 12.36 -12.76
C PRO B 431 1.17 13.44 -13.05
N VAL B 432 0.97 14.69 -12.59
CA VAL B 432 1.97 15.76 -12.75
C VAL B 432 3.09 15.51 -11.71
N LEU B 433 2.70 15.17 -10.45
CA LEU B 433 3.60 14.87 -9.33
C LEU B 433 4.44 13.62 -9.62
N TYR B 434 3.86 12.63 -10.34
CA TYR B 434 4.51 11.41 -10.80
C TYR B 434 5.62 11.78 -11.80
N ALA B 435 5.24 12.49 -12.89
CA ALA B 435 6.10 12.96 -13.99
C ALA B 435 7.32 13.78 -13.49
N PHE B 436 7.08 14.67 -12.49
CA PHE B 436 8.09 15.52 -11.83
C PHE B 436 9.17 14.66 -11.15
N LEU B 437 8.75 13.61 -10.41
CA LEU B 437 9.66 12.71 -9.70
C LEU B 437 10.39 11.83 -10.70
N ASP B 438 9.70 11.39 -11.77
CA ASP B 438 10.21 10.59 -12.88
C ASP B 438 11.32 11.35 -13.65
N LYS B 439 11.23 12.69 -13.66
CA LYS B 439 12.19 13.56 -14.31
C LYS B 439 13.42 13.77 -13.40
N ASN B 440 13.19 14.19 -12.14
CA ASN B 440 14.23 14.52 -11.16
C ASN B 440 14.98 13.33 -10.60
N PHE B 441 14.35 12.14 -10.55
CA PHE B 441 14.98 10.90 -10.07
C PHE B 441 15.13 9.86 -11.20
N LYS B 442 15.22 10.36 -12.46
CA LYS B 442 15.36 9.63 -13.73
C LYS B 442 16.33 8.48 -13.63
N ARG B 443 17.58 8.75 -13.19
CA ARG B 443 18.67 7.77 -13.04
C ARG B 443 18.35 6.65 -12.05
N CYS B 444 17.66 6.97 -10.93
CA CYS B 444 17.28 6.00 -9.88
C CYS B 444 16.29 4.96 -10.38
N PHE B 445 15.39 5.35 -11.30
CA PHE B 445 14.31 4.50 -11.80
C PHE B 445 14.48 4.03 -13.25
N ARG B 446 15.40 4.65 -14.04
CA ARG B 446 15.66 4.23 -15.42
C ARG B 446 16.41 2.90 -15.43
N GLN B 447 15.91 1.96 -16.27
CA GLN B 447 16.43 0.61 -16.47
C GLN B 447 15.91 0.00 -17.78
N LEU B 448 16.80 -0.64 -18.54
CA LEU B 448 16.50 -1.29 -19.81
C LEU B 448 15.44 -2.39 -19.66
N CYS B 449 14.52 -2.51 -20.64
CA CYS B 449 13.46 -3.54 -20.66
C CYS B 449 14.08 -4.91 -21.01
N PHE C 3 15.09 -9.21 4.74
CA PHE C 3 15.98 -8.08 4.65
C PHE C 3 17.41 -8.37 5.09
N PHE D 3 -16.62 12.75 3.27
CA PHE D 3 -16.77 12.57 4.70
C PHE D 3 -17.64 13.67 5.28
#